data_6OWL
# 
_entry.id   6OWL 
# 
_audit_conform.dict_name       mmcif_pdbx.dic 
_audit_conform.dict_version    5.380 
_audit_conform.dict_location   http://mmcif.pdb.org/dictionaries/ascii/mmcif_pdbx.dic 
# 
loop_
_database_2.database_id 
_database_2.database_code 
_database_2.pdbx_database_accession 
_database_2.pdbx_DOI 
PDB   6OWL         pdb_00006owl 10.2210/pdb6owl/pdb 
WWPDB D_1000241462 ?            ?                   
# 
_pdbx_database_status.status_code                     REL 
_pdbx_database_status.status_code_sf                  REL 
_pdbx_database_status.status_code_mr                  ? 
_pdbx_database_status.entry_id                        6OWL 
_pdbx_database_status.recvd_initial_deposition_date   2019-05-10 
_pdbx_database_status.SG_entry                        N 
_pdbx_database_status.deposit_site                    RCSB 
_pdbx_database_status.process_site                    RCSB 
_pdbx_database_status.status_code_cs                  ? 
_pdbx_database_status.methods_development_category    ? 
_pdbx_database_status.pdb_format_compatible           Y 
_pdbx_database_status.status_code_nmr_data            ? 
# 
loop_
_audit_author.name 
_audit_author.pdbx_ordinal 
_audit_author.identifier_ORCID 
'Szostak, J.W.' 1 ? 
'Kim, S.'       2 ? 
'Zhang, W.'     3 ? 
# 
_citation.abstract                  ? 
_citation.abstract_id_CAS           ? 
_citation.book_id_ISBN              ? 
_citation.book_publisher            ? 
_citation.book_publisher_city       ? 
_citation.book_title                ? 
_citation.coordinate_linkage        ? 
_citation.country                   US 
_citation.database_id_Medline       ? 
_citation.details                   ? 
_citation.id                        primary 
_citation.journal_abbrev            J.Am.Chem.Soc. 
_citation.journal_id_ASTM           JACSAT 
_citation.journal_id_CSD            ? 
_citation.journal_id_ISSN           1520-5126 
_citation.journal_full              ? 
_citation.journal_issue             ? 
_citation.journal_volume            142 
_citation.language                  ? 
_citation.page_first                2317 
_citation.page_last                 2326 
_citation.title                     
;A Model for the Emergence of RNA from a Prebiotically Plausible Mixture of Ribonucleotides, Arabinonucleotides, and 2'-Deoxynucleotides.
;
_citation.year                      2020 
_citation.database_id_CSD           ? 
_citation.pdbx_database_id_DOI      10.1021/jacs.9b11239 
_citation.pdbx_database_id_PubMed   31913615 
_citation.unpublished_flag          ? 
# 
loop_
_citation_author.citation_id 
_citation_author.name 
_citation_author.ordinal 
_citation_author.identifier_ORCID 
primary 'Kim, S.C.'          1 0000-0002-2230-1774 
primary 'Zhou, L.'           2 0000-0002-0393-4787 
primary 'Zhang, W.'          3 0000-0003-4811-4384 
primary 
;O'Flaherty, D.K.
;
4 0000-0003-3693-6380 
primary 'Rondo-Brovetto, V.' 5 ?                   
primary 'Szostak, J.W.'      6 0000-0003-4131-1203 
# 
_cell.angle_alpha                  90.00 
_cell.angle_alpha_esd              ? 
_cell.angle_beta                   90.00 
_cell.angle_beta_esd               ? 
_cell.angle_gamma                  120.00 
_cell.angle_gamma_esd              ? 
_cell.entry_id                     6OWL 
_cell.details                      ? 
_cell.formula_units_Z              ? 
_cell.length_a                     43.483 
_cell.length_a_esd                 ? 
_cell.length_b                     43.483 
_cell.length_b_esd                 ? 
_cell.length_c                     127.538 
_cell.length_c_esd                 ? 
_cell.volume                       ? 
_cell.volume_esd                   ? 
_cell.Z_PDB                        36 
_cell.reciprocal_angle_alpha       ? 
_cell.reciprocal_angle_beta        ? 
_cell.reciprocal_angle_gamma       ? 
_cell.reciprocal_angle_alpha_esd   ? 
_cell.reciprocal_angle_beta_esd    ? 
_cell.reciprocal_angle_gamma_esd   ? 
_cell.reciprocal_length_a          ? 
_cell.reciprocal_length_b          ? 
_cell.reciprocal_length_c          ? 
_cell.reciprocal_length_a_esd      ? 
_cell.reciprocal_length_b_esd      ? 
_cell.reciprocal_length_c_esd      ? 
_cell.pdbx_unique_axis             ? 
# 
_symmetry.entry_id                         6OWL 
_symmetry.cell_setting                     ? 
_symmetry.Int_Tables_number                155 
_symmetry.space_group_name_Hall            ? 
_symmetry.space_group_name_H-M             'H 3 2' 
_symmetry.pdbx_full_space_group_name_H-M   ? 
# 
loop_
_entity.id 
_entity.type 
_entity.src_method 
_entity.pdbx_description 
_entity.formula_weight 
_entity.pdbx_number_of_molecules 
_entity.pdbx_ec 
_entity.pdbx_mutation 
_entity.pdbx_fragment 
_entity.details 
1 polymer man 
;RNA (5'-R(*(LCC)P*(LCC)P*(LCC)P*(LCG)P*AP*CP*UP*UP*AP*AP*GP*UP*CP*R)-3')
;
4512.804 1 ? ? ? ? 
2 polymer man 
;RNA (5'-R(P*G)-3')
;
645.454  2 ? ? ? ? 
3 water   nat water                                                                      18.015   8 ? ? ? ? 
# 
loop_
_entity_poly.entity_id 
_entity_poly.type 
_entity_poly.nstd_linkage 
_entity_poly.nstd_monomer 
_entity_poly.pdbx_seq_one_letter_code 
_entity_poly.pdbx_seq_one_letter_code_can 
_entity_poly.pdbx_strand_id 
_entity_poly.pdbx_target_identifier 
1 polyribonucleotide no yes '(LCC)(LCC)(LCC)(LCG)ACUUAAGUC(GAO)' NNNGACUUAAGUCG A   ? 
2 polyribonucleotide no no  GG                                   GG             B,C ? 
# 
loop_
_entity_poly_seq.entity_id 
_entity_poly_seq.num 
_entity_poly_seq.mon_id 
_entity_poly_seq.hetero 
1 1  LCC n 
1 2  LCC n 
1 3  LCC n 
1 4  LCG n 
1 5  A   n 
1 6  C   n 
1 7  U   n 
1 8  U   n 
1 9  A   n 
1 10 A   n 
1 11 G   n 
1 12 U   n 
1 13 C   n 
1 14 GAO n 
2 1  G   n 
2 2  G   n 
# 
loop_
_entity_src_gen.entity_id 
_entity_src_gen.pdbx_src_id 
_entity_src_gen.pdbx_alt_source_flag 
_entity_src_gen.pdbx_seq_type 
_entity_src_gen.pdbx_beg_seq_num 
_entity_src_gen.pdbx_end_seq_num 
_entity_src_gen.gene_src_common_name 
_entity_src_gen.gene_src_genus 
_entity_src_gen.pdbx_gene_src_gene 
_entity_src_gen.gene_src_species 
_entity_src_gen.gene_src_strain 
_entity_src_gen.gene_src_tissue 
_entity_src_gen.gene_src_tissue_fraction 
_entity_src_gen.gene_src_details 
_entity_src_gen.pdbx_gene_src_fragment 
_entity_src_gen.pdbx_gene_src_scientific_name 
_entity_src_gen.pdbx_gene_src_ncbi_taxonomy_id 
_entity_src_gen.pdbx_gene_src_variant 
_entity_src_gen.pdbx_gene_src_cell_line 
_entity_src_gen.pdbx_gene_src_atcc 
_entity_src_gen.pdbx_gene_src_organ 
_entity_src_gen.pdbx_gene_src_organelle 
_entity_src_gen.pdbx_gene_src_cell 
_entity_src_gen.pdbx_gene_src_cellular_location 
_entity_src_gen.host_org_common_name 
_entity_src_gen.pdbx_host_org_scientific_name 
_entity_src_gen.pdbx_host_org_ncbi_taxonomy_id 
_entity_src_gen.host_org_genus 
_entity_src_gen.pdbx_host_org_gene 
_entity_src_gen.pdbx_host_org_organ 
_entity_src_gen.host_org_species 
_entity_src_gen.pdbx_host_org_tissue 
_entity_src_gen.pdbx_host_org_tissue_fraction 
_entity_src_gen.pdbx_host_org_strain 
_entity_src_gen.pdbx_host_org_variant 
_entity_src_gen.pdbx_host_org_cell_line 
_entity_src_gen.pdbx_host_org_atcc 
_entity_src_gen.pdbx_host_org_culture_collection 
_entity_src_gen.pdbx_host_org_cell 
_entity_src_gen.pdbx_host_org_organelle 
_entity_src_gen.pdbx_host_org_cellular_location 
_entity_src_gen.pdbx_host_org_vector_type 
_entity_src_gen.pdbx_host_org_vector 
_entity_src_gen.host_org_details 
_entity_src_gen.expression_system_id 
_entity_src_gen.plasmid_name 
_entity_src_gen.plasmid_details 
_entity_src_gen.pdbx_description 
1 1 sample 'Biological sequence' 1 14 ? ? ? ? ? ? ? ? ? 'synthetic construct' 32630 ? ? ? ? ? ? ? ? 'synthetic construct' 32630 ? 
? ? ? ? ? ? ? ? ? ? ? ? ? ? ? ? ? ? ? ? 
2 1 sample 'Biological sequence' 1 2  ? ? ? ? ? ? ? ? ? 'synthetic construct' 32630 ? ? ? ? ? ? ? ? 'synthetic construct' 32630 ? 
? ? ? ? ? ? ? ? ? ? ? ? ? ? ? ? ? ? ? ? 
# 
loop_
_struct_ref.id 
_struct_ref.db_name 
_struct_ref.db_code 
_struct_ref.pdbx_db_accession 
_struct_ref.pdbx_db_isoform 
_struct_ref.entity_id 
_struct_ref.pdbx_seq_one_letter_code 
_struct_ref.pdbx_align_begin 
1 PDB 6OWL 6OWL ? 1 ? 1 
2 PDB 6OWL 6OWL ? 2 ? 1 
# 
loop_
_struct_ref_seq.align_id 
_struct_ref_seq.ref_id 
_struct_ref_seq.pdbx_PDB_id_code 
_struct_ref_seq.pdbx_strand_id 
_struct_ref_seq.seq_align_beg 
_struct_ref_seq.pdbx_seq_align_beg_ins_code 
_struct_ref_seq.seq_align_end 
_struct_ref_seq.pdbx_seq_align_end_ins_code 
_struct_ref_seq.pdbx_db_accession 
_struct_ref_seq.db_align_beg 
_struct_ref_seq.pdbx_db_align_beg_ins_code 
_struct_ref_seq.db_align_end 
_struct_ref_seq.pdbx_db_align_end_ins_code 
_struct_ref_seq.pdbx_auth_seq_align_beg 
_struct_ref_seq.pdbx_auth_seq_align_end 
1 1 6OWL A 1 ? 14 ? 6OWL 1 ? 14 ? 1 14 
2 2 6OWL B 1 ? 2  ? 6OWL 1 ? 2  ? 1 2  
3 2 6OWL C 1 ? 2  ? 6OWL 1 ? 2  ? 1 2  
# 
loop_
_chem_comp.id 
_chem_comp.type 
_chem_comp.mon_nstd_flag 
_chem_comp.name 
_chem_comp.pdbx_synonyms 
_chem_comp.formula 
_chem_comp.formula_weight 
A   'RNA linking' y "ADENOSINE-5'-MONOPHOSPHATE" ? 'C10 H14 N5 O7 P' 347.221 
C   'RNA linking' y "CYTIDINE-5'-MONOPHOSPHATE" ? 'C9 H14 N3 O8 P'  323.197 
G   'RNA linking' y "GUANOSINE-5'-MONOPHOSPHATE" ? 'C10 H14 N5 O8 P' 363.221 
GAO 'RNA linking' n 
;GUANINE ARABINOSE-5'-PHOSPHATE
;
? 'C10 H14 N5 O8 P' 363.221 
HOH non-polymer   . WATER ? 'H2 O'            18.015  
LCC 'RNA linking' . 
'[(1R,3R,4R,7S)-7-HYDROXY-3-(5-METHYLCYTOSIN-1-YL)-2,5-DIOXABICYCLO[2.2.1]HEPT-1-YL]METHYL DIHYDROGEN PHOSPHATE' ? 
'C11 H16 N3 O8 P' 349.234 
LCG 'RNA linking' n '[(1R,3R,4R,7S)-7-HYDROXY-3-(GUANIN-9-YL)-2,5-DIOXABICYCLO[2.2.1]HEPT-1-YL]METHYL DIHYDROGEN PHOSPHATE' ? 
'C11 H14 N5 O8 P' 375.231 
U   'RNA linking' y "URIDINE-5'-MONOPHOSPHATE" ? 'C9 H13 N2 O9 P'  324.181 
# 
_exptl.absorpt_coefficient_mu     ? 
_exptl.absorpt_correction_T_max   ? 
_exptl.absorpt_correction_T_min   ? 
_exptl.absorpt_correction_type    ? 
_exptl.absorpt_process_details    ? 
_exptl.entry_id                   6OWL 
_exptl.crystals_number            1 
_exptl.details                    ? 
_exptl.method                     'X-RAY DIFFRACTION' 
_exptl.method_details             ? 
# 
_exptl_crystal.colour                      ? 
_exptl_crystal.density_diffrn              ? 
_exptl_crystal.density_Matthews            2.00 
_exptl_crystal.density_method              ? 
_exptl_crystal.density_percent_sol         38.47 
_exptl_crystal.description                 ? 
_exptl_crystal.F_000                       ? 
_exptl_crystal.id                          1 
_exptl_crystal.preparation                 ? 
_exptl_crystal.size_max                    ? 
_exptl_crystal.size_mid                    ? 
_exptl_crystal.size_min                    ? 
_exptl_crystal.size_rad                    ? 
_exptl_crystal.colour_lustre               ? 
_exptl_crystal.colour_modifier             ? 
_exptl_crystal.colour_primary              ? 
_exptl_crystal.density_meas                ? 
_exptl_crystal.density_meas_esd            ? 
_exptl_crystal.density_meas_gt             ? 
_exptl_crystal.density_meas_lt             ? 
_exptl_crystal.density_meas_temp           ? 
_exptl_crystal.density_meas_temp_esd       ? 
_exptl_crystal.density_meas_temp_gt        ? 
_exptl_crystal.density_meas_temp_lt        ? 
_exptl_crystal.pdbx_crystal_image_url      ? 
_exptl_crystal.pdbx_crystal_image_format   ? 
_exptl_crystal.pdbx_mosaicity              ? 
_exptl_crystal.pdbx_mosaicity_esd          ? 
# 
_exptl_crystal_grow.apparatus       ? 
_exptl_crystal_grow.atmosphere      ? 
_exptl_crystal_grow.crystal_id      1 
_exptl_crystal_grow.details         ? 
_exptl_crystal_grow.method          'VAPOR DIFFUSION, SITTING DROP' 
_exptl_crystal_grow.method_ref      ? 
_exptl_crystal_grow.pH              6.0 
_exptl_crystal_grow.pressure        ? 
_exptl_crystal_grow.pressure_esd    ? 
_exptl_crystal_grow.seeding         ? 
_exptl_crystal_grow.seeding_ref     ? 
_exptl_crystal_grow.temp            293 
_exptl_crystal_grow.temp_details    ? 
_exptl_crystal_grow.temp_esd        ? 
_exptl_crystal_grow.time            ? 
_exptl_crystal_grow.pdbx_details    
;0.08 M Sodium chloride,
0.012 M Potassium chloride,
0.02 M Magnesium chloride hexahydrate, 0.04 M Sodium cacodylate trihydrate pH 6.0, 30% v/v (+/-)-2-Methyl-2,4-pentanediol, 0.012 M Spermine tetrahydrochloride
;
_exptl_crystal_grow.pdbx_pH_range   ? 
# 
_diffrn.ambient_environment              ? 
_diffrn.ambient_temp                     100 
_diffrn.ambient_temp_details             ? 
_diffrn.ambient_temp_esd                 ? 
_diffrn.crystal_id                       1 
_diffrn.crystal_support                  ? 
_diffrn.crystal_treatment                ? 
_diffrn.details                          ? 
_diffrn.id                               1 
_diffrn.ambient_pressure                 ? 
_diffrn.ambient_pressure_esd             ? 
_diffrn.ambient_pressure_gt              ? 
_diffrn.ambient_pressure_lt              ? 
_diffrn.ambient_temp_gt                  ? 
_diffrn.ambient_temp_lt                  ? 
_diffrn.pdbx_serial_crystal_experiment   N 
# 
_diffrn_detector.details                      ? 
_diffrn_detector.detector                     CCD 
_diffrn_detector.diffrn_id                    1 
_diffrn_detector.type                         'MAR CCD 130 mm' 
_diffrn_detector.area_resol_mean              ? 
_diffrn_detector.dtime                        ? 
_diffrn_detector.pdbx_frames_total            ? 
_diffrn_detector.pdbx_collection_time_total   ? 
_diffrn_detector.pdbx_collection_date         2019-03-29 
_diffrn_detector.pdbx_frequency               ? 
# 
_diffrn_radiation.collimation                      ? 
_diffrn_radiation.diffrn_id                        1 
_diffrn_radiation.filter_edge                      ? 
_diffrn_radiation.inhomogeneity                    ? 
_diffrn_radiation.monochromator                    ? 
_diffrn_radiation.polarisn_norm                    ? 
_diffrn_radiation.polarisn_ratio                   ? 
_diffrn_radiation.probe                            ? 
_diffrn_radiation.type                             ? 
_diffrn_radiation.xray_symbol                      ? 
_diffrn_radiation.wavelength_id                    1 
_diffrn_radiation.pdbx_monochromatic_or_laue_m_l   M 
_diffrn_radiation.pdbx_wavelength_list             ? 
_diffrn_radiation.pdbx_wavelength                  ? 
_diffrn_radiation.pdbx_diffrn_protocol             'SINGLE WAVELENGTH' 
_diffrn_radiation.pdbx_analyzer                    ? 
_diffrn_radiation.pdbx_scattering_type             x-ray 
# 
_diffrn_radiation_wavelength.id           1 
_diffrn_radiation_wavelength.wavelength   1 
_diffrn_radiation_wavelength.wt           1.0 
# 
_diffrn_source.current                     ? 
_diffrn_source.details                     ? 
_diffrn_source.diffrn_id                   1 
_diffrn_source.power                       ? 
_diffrn_source.size                        ? 
_diffrn_source.source                      SYNCHROTRON 
_diffrn_source.target                      ? 
_diffrn_source.type                        'ALS BEAMLINE 8.2.2' 
_diffrn_source.voltage                     ? 
_diffrn_source.take-off_angle              ? 
_diffrn_source.pdbx_wavelength_list        1 
_diffrn_source.pdbx_wavelength             ? 
_diffrn_source.pdbx_synchrotron_beamline   8.2.2 
_diffrn_source.pdbx_synchrotron_site       ALS 
# 
_reflns.B_iso_Wilson_estimate            ? 
_reflns.entry_id                         6OWL 
_reflns.data_reduction_details           ? 
_reflns.data_reduction_method            ? 
_reflns.d_resolution_high                2.0 
_reflns.d_resolution_low                 50 
_reflns.details                          ? 
_reflns.limit_h_max                      ? 
_reflns.limit_h_min                      ? 
_reflns.limit_k_max                      ? 
_reflns.limit_k_min                      ? 
_reflns.limit_l_max                      ? 
_reflns.limit_l_min                      ? 
_reflns.number_all                       ? 
_reflns.number_obs                       3409 
_reflns.observed_criterion               ? 
_reflns.observed_criterion_F_max         ? 
_reflns.observed_criterion_F_min         ? 
_reflns.observed_criterion_I_max         ? 
_reflns.observed_criterion_I_min         ? 
_reflns.observed_criterion_sigma_F       ? 
_reflns.observed_criterion_sigma_I       ? 
_reflns.percent_possible_obs             99.7 
_reflns.R_free_details                   ? 
_reflns.Rmerge_F_all                     ? 
_reflns.Rmerge_F_obs                     ? 
_reflns.Friedel_coverage                 ? 
_reflns.number_gt                        ? 
_reflns.threshold_expression             ? 
_reflns.pdbx_redundancy                  7.1 
_reflns.pdbx_Rmerge_I_obs                0.082 
_reflns.pdbx_Rmerge_I_all                ? 
_reflns.pdbx_Rsym_value                  ? 
_reflns.pdbx_netI_over_av_sigmaI         ? 
_reflns.pdbx_netI_over_sigmaI            19.3 
_reflns.pdbx_res_netI_over_av_sigmaI_2   ? 
_reflns.pdbx_res_netI_over_sigmaI_2      ? 
_reflns.pdbx_chi_squared                 0.831 
_reflns.pdbx_scaling_rejects             ? 
_reflns.pdbx_d_res_high_opt              ? 
_reflns.pdbx_d_res_low_opt               ? 
_reflns.pdbx_d_res_opt_method            ? 
_reflns.phase_calculation_details        ? 
_reflns.pdbx_Rrim_I_all                  0.090 
_reflns.pdbx_Rpim_I_all                  ? 
_reflns.pdbx_d_opt                       ? 
_reflns.pdbx_number_measured_all         ? 
_reflns.pdbx_diffrn_id                   1 
_reflns.pdbx_ordinal                     1 
_reflns.pdbx_CC_half                     0.982 
_reflns.pdbx_R_split                     ? 
_reflns.pdbx_CC_star                     ? 
# 
_reflns_shell.d_res_high                  2.0 
_reflns_shell.d_res_low                   2.07 
_reflns_shell.meanI_over_sigI_all         ? 
_reflns_shell.meanI_over_sigI_obs         2.30 
_reflns_shell.number_measured_all         ? 
_reflns_shell.number_measured_obs         ? 
_reflns_shell.number_possible             ? 
_reflns_shell.number_unique_all           ? 
_reflns_shell.number_unique_obs           332 
_reflns_shell.percent_possible_all        100 
_reflns_shell.percent_possible_obs        ? 
_reflns_shell.Rmerge_F_all                ? 
_reflns_shell.Rmerge_F_obs                ? 
_reflns_shell.Rmerge_I_all                ? 
_reflns_shell.Rmerge_I_obs                0.564 
_reflns_shell.meanI_over_sigI_gt          ? 
_reflns_shell.meanI_over_uI_all           ? 
_reflns_shell.meanI_over_uI_gt            ? 
_reflns_shell.number_measured_gt          ? 
_reflns_shell.number_unique_gt            ? 
_reflns_shell.percent_possible_gt         ? 
_reflns_shell.Rmerge_F_gt                 ? 
_reflns_shell.Rmerge_I_gt                 ? 
_reflns_shell.pdbx_redundancy             5.3 
_reflns_shell.pdbx_Rsym_value             ? 
_reflns_shell.pdbx_chi_squared            0.539 
_reflns_shell.pdbx_netI_over_sigmaI_all   ? 
_reflns_shell.pdbx_netI_over_sigmaI_obs   ? 
_reflns_shell.pdbx_Rrim_I_all             0.627 
_reflns_shell.pdbx_Rpim_I_all             ? 
_reflns_shell.pdbx_rejects                ? 
_reflns_shell.pdbx_ordinal                1 
_reflns_shell.pdbx_diffrn_id              1 
_reflns_shell.pdbx_CC_half                0.940 
_reflns_shell.pdbx_R_split                ? 
_reflns_shell.pdbx_CC_star                ? 
# 
_refine.aniso_B[1][1]                            0.00 
_refine.aniso_B[1][2]                            0.00 
_refine.aniso_B[1][3]                            0.00 
_refine.aniso_B[2][2]                            0.00 
_refine.aniso_B[2][3]                            0.00 
_refine.aniso_B[3][3]                            0.00 
_refine.B_iso_max                                ? 
_refine.B_iso_mean                               41.933 
_refine.B_iso_min                                ? 
_refine.correlation_coeff_Fo_to_Fc               0.955 
_refine.correlation_coeff_Fo_to_Fc_free          0.894 
_refine.details                                  'HYDROGENS HAVE BEEN ADDED IN THE RIDING POSITIONS' 
_refine.diff_density_max                         ? 
_refine.diff_density_max_esd                     ? 
_refine.diff_density_min                         ? 
_refine.diff_density_min_esd                     ? 
_refine.diff_density_rms                         ? 
_refine.diff_density_rms_esd                     ? 
_refine.entry_id                                 6OWL 
_refine.pdbx_refine_id                           'X-RAY DIFFRACTION' 
_refine.ls_abs_structure_details                 ? 
_refine.ls_abs_structure_Flack                   ? 
_refine.ls_abs_structure_Flack_esd               ? 
_refine.ls_abs_structure_Rogers                  ? 
_refine.ls_abs_structure_Rogers_esd              ? 
_refine.ls_d_res_high                            2 
_refine.ls_d_res_low                             22.0 
_refine.ls_extinction_coef                       ? 
_refine.ls_extinction_coef_esd                   ? 
_refine.ls_extinction_expression                 ? 
_refine.ls_extinction_method                     ? 
_refine.ls_goodness_of_fit_all                   ? 
_refine.ls_goodness_of_fit_all_esd               ? 
_refine.ls_goodness_of_fit_obs                   ? 
_refine.ls_goodness_of_fit_obs_esd               ? 
_refine.ls_hydrogen_treatment                    ? 
_refine.ls_matrix_type                           ? 
_refine.ls_number_constraints                    ? 
_refine.ls_number_parameters                     ? 
_refine.ls_number_reflns_all                     ? 
_refine.ls_number_reflns_obs                     3229 
_refine.ls_number_reflns_R_free                  158 
_refine.ls_number_reflns_R_work                  ? 
_refine.ls_number_restraints                     ? 
_refine.ls_percent_reflns_obs                    98.09 
_refine.ls_percent_reflns_R_free                 4.7 
_refine.ls_R_factor_all                          ? 
_refine.ls_R_factor_obs                          0.24152 
_refine.ls_R_factor_R_free                       0.31721 
_refine.ls_R_factor_R_free_error                 ? 
_refine.ls_R_factor_R_free_error_details         ? 
_refine.ls_R_factor_R_work                       0.23700 
_refine.ls_R_Fsqd_factor_obs                     ? 
_refine.ls_R_I_factor_obs                        ? 
_refine.ls_redundancy_reflns_all                 ? 
_refine.ls_redundancy_reflns_obs                 ? 
_refine.ls_restrained_S_all                      ? 
_refine.ls_restrained_S_obs                      ? 
_refine.ls_shift_over_esd_max                    ? 
_refine.ls_shift_over_esd_mean                   ? 
_refine.ls_structure_factor_coef                 ? 
_refine.ls_weighting_details                     ? 
_refine.ls_weighting_scheme                      ? 
_refine.ls_wR_factor_all                         ? 
_refine.ls_wR_factor_obs                         ? 
_refine.ls_wR_factor_R_free                      ? 
_refine.ls_wR_factor_R_work                      ? 
_refine.occupancy_max                            ? 
_refine.occupancy_min                            ? 
_refine.solvent_model_details                    ? 
_refine.solvent_model_param_bsol                 ? 
_refine.solvent_model_param_ksol                 ? 
_refine.ls_R_factor_gt                           ? 
_refine.ls_goodness_of_fit_gt                    ? 
_refine.ls_goodness_of_fit_ref                   ? 
_refine.ls_shift_over_su_max                     ? 
_refine.ls_shift_over_su_max_lt                  ? 
_refine.ls_shift_over_su_mean                    ? 
_refine.ls_shift_over_su_mean_lt                 ? 
_refine.pdbx_ls_sigma_I                          ? 
_refine.pdbx_ls_sigma_F                          ? 
_refine.pdbx_ls_sigma_Fsqd                       ? 
_refine.pdbx_data_cutoff_high_absF               ? 
_refine.pdbx_data_cutoff_high_rms_absF           ? 
_refine.pdbx_data_cutoff_low_absF                ? 
_refine.pdbx_isotropic_thermal_model             ? 
_refine.pdbx_ls_cross_valid_method               THROUGHOUT 
_refine.pdbx_method_to_determine_struct          'MOLECULAR REPLACEMENT' 
_refine.pdbx_starting_model                      6C8D 
_refine.pdbx_stereochemistry_target_values       ? 
_refine.pdbx_R_Free_selection_details            RANDOM 
_refine.pdbx_stereochem_target_val_spec_case     ? 
_refine.pdbx_overall_ESU_R                       0.213 
_refine.pdbx_overall_ESU_R_Free                  0.213 
_refine.pdbx_solvent_vdw_probe_radii             1.20 
_refine.pdbx_solvent_ion_probe_radii             0.80 
_refine.pdbx_solvent_shrinkage_radii             0.80 
_refine.pdbx_real_space_R                        ? 
_refine.pdbx_density_correlation                 ? 
_refine.pdbx_pd_number_of_powder_patterns        ? 
_refine.pdbx_pd_number_of_points                 ? 
_refine.pdbx_pd_meas_number_of_points            ? 
_refine.pdbx_pd_proc_ls_prof_R_factor            ? 
_refine.pdbx_pd_proc_ls_prof_wR_factor           ? 
_refine.pdbx_pd_Marquardt_correlation_coeff      ? 
_refine.pdbx_pd_Fsqrd_R_factor                   ? 
_refine.pdbx_pd_ls_matrix_band_width             ? 
_refine.pdbx_overall_phase_error                 ? 
_refine.pdbx_overall_SU_R_free_Cruickshank_DPI   ? 
_refine.pdbx_overall_SU_R_free_Blow_DPI          ? 
_refine.pdbx_overall_SU_R_Blow_DPI               ? 
_refine.pdbx_TLS_residual_ADP_flag               ? 
_refine.pdbx_diffrn_id                           1 
_refine.overall_SU_B                             6.490 
_refine.overall_SU_ML                            0.188 
_refine.overall_SU_R_Cruickshank_DPI             ? 
_refine.overall_SU_R_free                        ? 
_refine.overall_FOM_free_R_set                   ? 
_refine.overall_FOM_work_R_set                   ? 
_refine.pdbx_average_fsc_overall                 ? 
_refine.pdbx_average_fsc_work                    ? 
_refine.pdbx_average_fsc_free                    ? 
# 
_refine_hist.pdbx_refine_id                   'X-RAY DIFFRACTION' 
_refine_hist.cycle_id                         1 
_refine_hist.details                          ? 
_refine_hist.d_res_high                       2 
_refine_hist.d_res_low                        22.0 
_refine_hist.number_atoms_solvent             8 
_refine_hist.number_atoms_total               355 
_refine_hist.number_reflns_all                ? 
_refine_hist.number_reflns_obs                ? 
_refine_hist.number_reflns_R_free             ? 
_refine_hist.number_reflns_R_work             ? 
_refine_hist.R_factor_all                     ? 
_refine_hist.R_factor_obs                     ? 
_refine_hist.R_factor_R_free                  ? 
_refine_hist.R_factor_R_work                  ? 
_refine_hist.pdbx_number_residues_total       ? 
_refine_hist.pdbx_B_iso_mean_ligand           ? 
_refine_hist.pdbx_B_iso_mean_solvent          ? 
_refine_hist.pdbx_number_atoms_protein        0 
_refine_hist.pdbx_number_atoms_nucleic_acid   347 
_refine_hist.pdbx_number_atoms_ligand         0 
_refine_hist.pdbx_number_atoms_lipid          ? 
_refine_hist.pdbx_number_atoms_carb           ? 
_refine_hist.pdbx_pseudo_atom_details         ? 
# 
loop_
_refine_ls_restr.pdbx_refine_id 
_refine_ls_restr.criterion 
_refine_ls_restr.dev_ideal 
_refine_ls_restr.dev_ideal_target 
_refine_ls_restr.number 
_refine_ls_restr.rejects 
_refine_ls_restr.type 
_refine_ls_restr.weight 
_refine_ls_restr.pdbx_restraint_function 
'X-RAY DIFFRACTION' ? 0.017  0.016  388 ? r_bond_refined_d             ? ? 
'X-RAY DIFFRACTION' ? 0.038  0.023  168 ? r_bond_other_d               ? ? 
'X-RAY DIFFRACTION' ? 2.280  1.836  606 ? r_angle_refined_deg          ? ? 
'X-RAY DIFFRACTION' ? 3.756  3.198  402 ? r_angle_other_deg            ? ? 
'X-RAY DIFFRACTION' ? ?      ?      ?   ? r_dihedral_angle_1_deg       ? ? 
'X-RAY DIFFRACTION' ? ?      ?      ?   ? r_dihedral_angle_2_deg       ? ? 
'X-RAY DIFFRACTION' ? ?      ?      ?   ? r_dihedral_angle_3_deg       ? ? 
'X-RAY DIFFRACTION' ? ?      ?      ?   ? r_dihedral_angle_4_deg       ? ? 
'X-RAY DIFFRACTION' ? 0.111  0.200  68  ? r_chiral_restr               ? ? 
'X-RAY DIFFRACTION' ? 0.014  0.020  186 ? r_gen_planes_refined         ? ? 
'X-RAY DIFFRACTION' ? 0.002  0.020  66  ? r_gen_planes_other           ? ? 
'X-RAY DIFFRACTION' ? ?      ?      ?   ? r_nbd_refined                ? ? 
'X-RAY DIFFRACTION' ? ?      ?      ?   ? r_nbd_other                  ? ? 
'X-RAY DIFFRACTION' ? ?      ?      ?   ? r_nbtor_refined              ? ? 
'X-RAY DIFFRACTION' ? ?      ?      ?   ? r_nbtor_other                ? ? 
'X-RAY DIFFRACTION' ? ?      ?      ?   ? r_xyhbond_nbd_refined        ? ? 
'X-RAY DIFFRACTION' ? ?      ?      ?   ? r_xyhbond_nbd_other          ? ? 
'X-RAY DIFFRACTION' ? ?      ?      ?   ? r_metal_ion_refined          ? ? 
'X-RAY DIFFRACTION' ? ?      ?      ?   ? r_metal_ion_other            ? ? 
'X-RAY DIFFRACTION' ? ?      ?      ?   ? r_symmetry_vdw_refined       ? ? 
'X-RAY DIFFRACTION' ? ?      ?      ?   ? r_symmetry_vdw_other         ? ? 
'X-RAY DIFFRACTION' ? ?      ?      ?   ? r_symmetry_hbond_refined     ? ? 
'X-RAY DIFFRACTION' ? ?      ?      ?   ? r_symmetry_hbond_other       ? ? 
'X-RAY DIFFRACTION' ? ?      ?      ?   ? r_symmetry_metal_ion_refined ? ? 
'X-RAY DIFFRACTION' ? ?      ?      ?   ? r_symmetry_metal_ion_other   ? ? 
'X-RAY DIFFRACTION' ? ?      ?      ?   ? r_mcbond_it                  ? ? 
'X-RAY DIFFRACTION' ? ?      ?      ?   ? r_mcbond_other               ? ? 
'X-RAY DIFFRACTION' ? ?      ?      ?   ? r_mcangle_it                 ? ? 
'X-RAY DIFFRACTION' ? ?      ?      ?   ? r_mcangle_other              ? ? 
'X-RAY DIFFRACTION' ? 3.854  4.421  386 ? r_scbond_it                  ? ? 
'X-RAY DIFFRACTION' ? 3.845  4.424  385 ? r_scbond_other               ? ? 
'X-RAY DIFFRACTION' ? ?      ?      ?   ? r_scangle_it                 ? ? 
'X-RAY DIFFRACTION' ? 7.802  6.623  605 ? r_scangle_other              ? ? 
'X-RAY DIFFRACTION' ? 10.181 39.499 511 ? r_long_range_B_refined       ? ? 
'X-RAY DIFFRACTION' ? 10.183 39.396 511 ? r_long_range_B_other         ? ? 
'X-RAY DIFFRACTION' ? ?      ?      ?   ? r_rigid_bond_restr           ? ? 
'X-RAY DIFFRACTION' ? ?      ?      ?   ? r_sphericity_free            ? ? 
'X-RAY DIFFRACTION' ? ?      ?      ?   ? r_sphericity_bonded          ? ? 
# 
_refine_ls_shell.pdbx_refine_id                   'X-RAY DIFFRACTION' 
_refine_ls_shell.d_res_high                       1.981 
_refine_ls_shell.d_res_low                        2.032 
_refine_ls_shell.number_reflns_all                ? 
_refine_ls_shell.number_reflns_obs                ? 
_refine_ls_shell.number_reflns_R_free             10 
_refine_ls_shell.number_reflns_R_work             191 
_refine_ls_shell.percent_reflns_obs               85.90 
_refine_ls_shell.percent_reflns_R_free            ? 
_refine_ls_shell.R_factor_all                     ? 
_refine_ls_shell.R_factor_obs                     ? 
_refine_ls_shell.R_factor_R_free                  0.306 
_refine_ls_shell.R_factor_R_free_error            ? 
_refine_ls_shell.R_factor_R_work                  0.263 
_refine_ls_shell.redundancy_reflns_all            ? 
_refine_ls_shell.redundancy_reflns_obs            ? 
_refine_ls_shell.wR_factor_all                    ? 
_refine_ls_shell.wR_factor_obs                    ? 
_refine_ls_shell.wR_factor_R_free                 ? 
_refine_ls_shell.wR_factor_R_work                 ? 
_refine_ls_shell.pdbx_total_number_of_bins_used   20 
_refine_ls_shell.pdbx_phase_error                 ? 
_refine_ls_shell.pdbx_fsc_work                    ? 
_refine_ls_shell.pdbx_fsc_free                    ? 
# 
_struct.entry_id                     6OWL 
_struct.title                        
;RNA oligonucleotides with 3'-arabino guanosine co-crystallized with GMP
;
_struct.pdbx_model_details           ? 
_struct.pdbx_formula_weight          ? 
_struct.pdbx_formula_weight_method   ? 
_struct.pdbx_model_type_details      ? 
_struct.pdbx_CASP_flag               N 
# 
_struct_keywords.entry_id        6OWL 
_struct_keywords.text            'RNA, arabino' 
_struct_keywords.pdbx_keywords   RNA 
# 
loop_
_struct_asym.id 
_struct_asym.pdbx_blank_PDB_chainid_flag 
_struct_asym.pdbx_modified 
_struct_asym.entity_id 
_struct_asym.details 
A N N 1 ? 
B N N 2 ? 
C N N 2 ? 
D N N 3 ? 
# 
loop_
_struct_conn.id 
_struct_conn.conn_type_id 
_struct_conn.pdbx_leaving_atom_flag 
_struct_conn.pdbx_PDB_id 
_struct_conn.ptnr1_label_asym_id 
_struct_conn.ptnr1_label_comp_id 
_struct_conn.ptnr1_label_seq_id 
_struct_conn.ptnr1_label_atom_id 
_struct_conn.pdbx_ptnr1_label_alt_id 
_struct_conn.pdbx_ptnr1_PDB_ins_code 
_struct_conn.pdbx_ptnr1_standard_comp_id 
_struct_conn.ptnr1_symmetry 
_struct_conn.ptnr2_label_asym_id 
_struct_conn.ptnr2_label_comp_id 
_struct_conn.ptnr2_label_seq_id 
_struct_conn.ptnr2_label_atom_id 
_struct_conn.pdbx_ptnr2_label_alt_id 
_struct_conn.pdbx_ptnr2_PDB_ins_code 
_struct_conn.ptnr1_auth_asym_id 
_struct_conn.ptnr1_auth_comp_id 
_struct_conn.ptnr1_auth_seq_id 
_struct_conn.ptnr2_auth_asym_id 
_struct_conn.ptnr2_auth_comp_id 
_struct_conn.ptnr2_auth_seq_id 
_struct_conn.ptnr2_symmetry 
_struct_conn.pdbx_ptnr3_label_atom_id 
_struct_conn.pdbx_ptnr3_label_seq_id 
_struct_conn.pdbx_ptnr3_label_comp_id 
_struct_conn.pdbx_ptnr3_label_asym_id 
_struct_conn.pdbx_ptnr3_label_alt_id 
_struct_conn.pdbx_ptnr3_PDB_ins_code 
_struct_conn.details 
_struct_conn.pdbx_dist_value 
_struct_conn.pdbx_value_order 
_struct_conn.pdbx_role 
covale1  covale both ? A LCC 1  "O3'" ? ? ? 1_555 A LCC 2  P  ? ? A LCC 1  A LCC 2  1_555 ? ? ? ? ? ? ?            1.611 ? ? 
covale2  covale both ? A LCC 2  "O3'" ? ? ? 1_555 A LCC 3  P  ? ? A LCC 2  A LCC 3  1_555 ? ? ? ? ? ? ?            1.609 ? ? 
covale3  covale both ? A LCC 3  "O3'" ? ? ? 1_555 A LCG 4  P  ? ? A LCC 3  A LCG 4  1_555 ? ? ? ? ? ? ?            1.603 ? ? 
covale4  covale both ? A LCG 4  "O3'" ? ? ? 1_555 A A   5  P  ? ? A LCG 4  A A   5  1_555 ? ? ? ? ? ? ?            1.558 ? ? 
covale5  covale both ? A C   13 "O3'" ? ? ? 1_555 A GAO 14 P  ? ? A C   13 A GAO 14 1_555 ? ? ? ? ? ? ?            1.604 ? ? 
hydrog1  hydrog ?    ? A LCG 4  N1    ? ? ? 1_555 A C   13 N3 ? ? A LCG 4  A C   13 4_647 ? ? ? ? ? ? WATSON-CRICK ?     ? ? 
hydrog2  hydrog ?    ? A LCG 4  N2    ? ? ? 1_555 A C   13 O2 ? ? A LCG 4  A C   13 4_647 ? ? ? ? ? ? WATSON-CRICK ?     ? ? 
hydrog3  hydrog ?    ? A LCG 4  O6    ? ? ? 1_555 A C   13 N4 ? ? A LCG 4  A C   13 4_647 ? ? ? ? ? ? WATSON-CRICK ?     ? ? 
hydrog4  hydrog ?    ? A A   5  N1    ? ? ? 1_555 A U   12 N3 ? ? A A   5  A U   12 4_647 ? ? ? ? ? ? WATSON-CRICK ?     ? ? 
hydrog5  hydrog ?    ? A A   5  N6    ? ? ? 1_555 A U   12 O4 ? ? A A   5  A U   12 4_647 ? ? ? ? ? ? WATSON-CRICK ?     ? ? 
hydrog6  hydrog ?    ? A C   6  N3    ? ? ? 1_555 A G   11 N1 ? ? A C   6  A G   11 4_647 ? ? ? ? ? ? WATSON-CRICK ?     ? ? 
hydrog7  hydrog ?    ? A C   6  N4    ? ? ? 1_555 A G   11 O6 ? ? A C   6  A G   11 4_647 ? ? ? ? ? ? WATSON-CRICK ?     ? ? 
hydrog8  hydrog ?    ? A C   6  O2    ? ? ? 1_555 A G   11 N2 ? ? A C   6  A G   11 4_647 ? ? ? ? ? ? WATSON-CRICK ?     ? ? 
hydrog9  hydrog ?    ? A U   7  N3    ? ? ? 1_555 A A   10 N1 ? ? A U   7  A A   10 4_647 ? ? ? ? ? ? WATSON-CRICK ?     ? ? 
hydrog10 hydrog ?    ? A U   7  O4    ? ? ? 1_555 A A   10 N6 ? ? A U   7  A A   10 4_647 ? ? ? ? ? ? WATSON-CRICK ?     ? ? 
hydrog11 hydrog ?    ? A U   8  N3    ? ? ? 1_555 A A   9  N1 ? ? A U   8  A A   9  4_647 ? ? ? ? ? ? WATSON-CRICK ?     ? ? 
hydrog12 hydrog ?    ? A U   8  O4    ? ? ? 1_555 A A   9  N6 ? ? A U   8  A A   9  4_647 ? ? ? ? ? ? WATSON-CRICK ?     ? ? 
hydrog13 hydrog ?    ? A A   9  N1    ? ? ? 1_555 A U   8  N3 ? ? A A   9  A U   8  4_647 ? ? ? ? ? ? WATSON-CRICK ?     ? ? 
hydrog14 hydrog ?    ? A A   9  N6    ? ? ? 1_555 A U   8  O4 ? ? A A   9  A U   8  4_647 ? ? ? ? ? ? WATSON-CRICK ?     ? ? 
hydrog15 hydrog ?    ? A A   10 N1    ? ? ? 1_555 A U   7  N3 ? ? A A   10 A U   7  4_647 ? ? ? ? ? ? WATSON-CRICK ?     ? ? 
hydrog16 hydrog ?    ? A A   10 N6    ? ? ? 1_555 A U   7  O4 ? ? A A   10 A U   7  4_647 ? ? ? ? ? ? WATSON-CRICK ?     ? ? 
hydrog17 hydrog ?    ? A G   11 N1    ? ? ? 1_555 A C   6  N3 ? ? A G   11 A C   6  4_647 ? ? ? ? ? ? WATSON-CRICK ?     ? ? 
hydrog18 hydrog ?    ? A G   11 N2    ? ? ? 1_555 A C   6  O2 ? ? A G   11 A C   6  4_647 ? ? ? ? ? ? WATSON-CRICK ?     ? ? 
hydrog19 hydrog ?    ? A G   11 O6    ? ? ? 1_555 A C   6  N4 ? ? A G   11 A C   6  4_647 ? ? ? ? ? ? WATSON-CRICK ?     ? ? 
hydrog20 hydrog ?    ? A U   12 N3    ? ? ? 1_555 A A   5  N1 ? ? A U   12 A A   5  4_647 ? ? ? ? ? ? WATSON-CRICK ?     ? ? 
hydrog21 hydrog ?    ? A U   12 O4    ? ? ? 1_555 A A   5  N6 ? ? A U   12 A A   5  4_647 ? ? ? ? ? ? WATSON-CRICK ?     ? ? 
hydrog22 hydrog ?    ? A C   13 N3    ? ? ? 1_555 A LCG 4  N1 ? ? A C   13 A LCG 4  4_647 ? ? ? ? ? ? WATSON-CRICK ?     ? ? 
hydrog23 hydrog ?    ? A C   13 N4    ? ? ? 1_555 A LCG 4  O6 ? ? A C   13 A LCG 4  4_647 ? ? ? ? ? ? WATSON-CRICK ?     ? ? 
hydrog24 hydrog ?    ? A C   13 O2    ? ? ? 1_555 A LCG 4  N2 ? ? A C   13 A LCG 4  4_647 ? ? ? ? ? ? WATSON-CRICK ?     ? ? 
# 
loop_
_struct_conn_type.id 
_struct_conn_type.criteria 
_struct_conn_type.reference 
covale ? ? 
hydrog ? ? 
# 
_atom_sites.entry_id                    6OWL 
_atom_sites.fract_transf_matrix[1][1]   -0.01993599 
_atom_sites.fract_transf_matrix[1][2]   0.00947412 
_atom_sites.fract_transf_matrix[1][3]   -0.01476363 
_atom_sites.fract_transf_matrix[2][1]   0.00363781 
_atom_sites.fract_transf_matrix[2][2]   0.00447975 
_atom_sites.fract_transf_matrix[2][3]   -0.02592038 
_atom_sites.fract_transf_matrix[3][1]   -0.00230389 
_atom_sites.fract_transf_matrix[3][2]   -0.00732446 
_atom_sites.fract_transf_matrix[3][3]   -0.00158921 
_atom_sites.fract_transf_vector[1]      1.226412 
_atom_sites.fract_transf_vector[2]      0.261992 
_atom_sites.fract_transf_vector[3]      1.017674 
# 
loop_
_atom_type.symbol 
C 
N 
O 
P 
# 
loop_
_atom_site.group_PDB 
_atom_site.id 
_atom_site.type_symbol 
_atom_site.label_atom_id 
_atom_site.label_alt_id 
_atom_site.label_comp_id 
_atom_site.label_asym_id 
_atom_site.label_entity_id 
_atom_site.label_seq_id 
_atom_site.pdbx_PDB_ins_code 
_atom_site.Cartn_x 
_atom_site.Cartn_y 
_atom_site.Cartn_z 
_atom_site.occupancy 
_atom_site.B_iso_or_equiv 
_atom_site.pdbx_formal_charge 
_atom_site.auth_seq_id 
_atom_site.auth_comp_id 
_atom_site.auth_asym_id 
_atom_site.auth_atom_id 
_atom_site.pdbx_PDB_model_num 
HETATM 1   O "O5'" . LCC A 1 1  ? 10.081  19.670  -3.749  1.00 36.68  ? 1   LCC A "O5'" 1 
HETATM 2   C "C5'" . LCC A 1 1  ? 11.411  19.250  -3.975  1.00 38.64  ? 1   LCC A "C5'" 1 
HETATM 3   C "C4'" . LCC A 1 1  ? 11.924  19.159  -2.506  1.00 36.80  ? 1   LCC A "C4'" 1 
HETATM 4   O "O4'" . LCC A 1 1  ? 11.626  20.230  -1.562  1.00 32.64  ? 1   LCC A "O4'" 1 
HETATM 5   C "C1'" . LCC A 1 1  ? 11.851  19.583  -0.276  1.00 33.97  ? 1   LCC A "C1'" 1 
HETATM 6   N N1    . LCC A 1 1  ? 10.675  19.726  0.580   1.00 34.90  ? 1   LCC A N1    1 
HETATM 7   C C6    . LCC A 1 1  ? 9.435   20.147  0.046   1.00 36.76  ? 1   LCC A C6    1 
HETATM 8   C C5    . LCC A 1 1  ? 8.366   20.367  0.908   1.00 36.26  ? 1   LCC A C5    1 
HETATM 9   C C5M   . LCC A 1 1  ? 7.118   20.738  0.378   1.00 40.42  ? 1   LCC A C5M   1 
HETATM 10  C C4    . LCC A 1 1  ? 8.591   20.147  2.261   1.00 39.82  ? 1   LCC A C4    1 
HETATM 11  N N4    . LCC A 1 1  ? 7.564   20.302  3.111   1.00 41.81  ? 1   LCC A N4    1 
HETATM 12  N N3    . LCC A 1 1  ? 9.798   19.784  2.709   1.00 37.36  ? 1   LCC A N3    1 
HETATM 13  C C2    . LCC A 1 1  ? 10.837  19.565  1.886   1.00 35.62  ? 1   LCC A C2    1 
HETATM 14  O O2    . LCC A 1 1  ? 11.937  19.226  2.340   1.00 37.91  ? 1   LCC A O2    1 
HETATM 15  C "C3'" . LCC A 1 1  ? 11.399  17.932  -1.835  1.00 36.51  ? 1   LCC A "C3'" 1 
HETATM 16  C "C2'" . LCC A 1 1  ? 12.225  18.193  -0.601  1.00 37.12  ? 1   LCC A "C2'" 1 
HETATM 17  O "O2'" . LCC A 1 1  ? 13.608  18.287  -1.123  1.00 40.66  ? 1   LCC A "O2'" 1 
HETATM 18  O "O3'" . LCC A 1 1  ? 11.864  16.688  -2.463  1.00 44.67  ? 1   LCC A "O3'" 1 
HETATM 19  C "C6'" . LCC A 1 1  ? 13.436  19.034  -2.436  1.00 36.24  ? 1   LCC A "C6'" 1 
HETATM 20  O "O5'" . LCC A 1 2  ? 11.535  14.849  -0.833  1.00 40.51  ? 2   LCC A "O5'" 1 
HETATM 21  C "C5'" . LCC A 1 2  ? 12.970  14.573  -0.623  1.00 40.42  ? 2   LCC A "C5'" 1 
HETATM 22  C "C4'" . LCC A 1 2  ? 13.006  14.456  0.880   1.00 39.15  ? 2   LCC A "C4'" 1 
HETATM 23  O "O4'" . LCC A 1 2  ? 12.600  15.680  1.528   1.00 42.16  ? 2   LCC A "O4'" 1 
HETATM 24  C "C1'" . LCC A 1 2  ? 12.214  15.291  2.876   1.00 39.37  ? 2   LCC A "C1'" 1 
HETATM 25  N N1    . LCC A 1 2  ? 10.816  15.719  3.202   1.00 36.10  ? 2   LCC A N1    1 
HETATM 26  C C6    . LCC A 1 2  ? 9.945   16.093  2.188   1.00 37.11  ? 2   LCC A C6    1 
HETATM 27  C C5    . LCC A 1 2  ? 8.667   16.530  2.488   1.00 39.87  ? 2   LCC A C5    1 
HETATM 28  C C5M   . LCC A 1 2  ? 7.809   16.900  1.443   1.00 44.90  ? 2   LCC A C5M   1 
HETATM 29  C C4    . LCC A 1 2  ? 8.273   16.553  3.827   1.00 38.08  ? 2   LCC A C4    1 
HETATM 30  N N4    . LCC A 1 2  ? 7.026   16.950  4.086   1.00 37.86  ? 2   LCC A N4    1 
HETATM 31  N N3    . LCC A 1 2  ? 9.129   16.200  4.791   1.00 37.93  ? 2   LCC A N3    1 
HETATM 32  C C2    . LCC A 1 2  ? 10.382  15.768  4.483   1.00 40.85  ? 2   LCC A C2    1 
HETATM 33  O O2    . LCC A 1 2  ? 11.128  15.433  5.396   1.00 36.48  ? 2   LCC A O2    1 
HETATM 34  C "C3'" . LCC A 1 2  ? 12.033  13.454  1.461   1.00 37.91  ? 2   LCC A "C3'" 1 
HETATM 35  C "C2'" . LCC A 1 2  ? 12.439  13.806  2.826   1.00 39.05  ? 2   LCC A "C2'" 1 
HETATM 36  O "O2'" . LCC A 1 2  ? 13.873  13.548  2.761   1.00 40.83  ? 2   LCC A "O2'" 1 
HETATM 37  O "O3'" . LCC A 1 2  ? 12.422  12.064  1.221   1.00 41.85  ? 2   LCC A "O3'" 1 
HETATM 38  C "C6'" . LCC A 1 2  ? 14.360  14.048  1.439   1.00 42.75  ? 2   LCC A "C6'" 1 
HETATM 39  P P     . LCC A 1 2  ? 11.040  15.319  -2.260  1.00 43.68  ? 2   LCC A P     1 
HETATM 40  O O1P   . LCC A 1 2  ? 11.659  14.429  -3.247  1.00 41.48  ? 2   LCC A O1P   1 
HETATM 41  O O2P   . LCC A 1 2  ? 9.588   15.573  -2.252  1.00 37.70  ? 2   LCC A O2P   1 
HETATM 42  O "O5'" . LCC A 1 3  ? 10.890  10.666  2.713   1.00 34.07  ? 3   LCC A "O5'" 1 
HETATM 43  C "C5'" . LCC A 1 3  ? 11.871  10.342  3.729   1.00 35.71  ? 3   LCC A "C5'" 1 
HETATM 44  C "C4'" . LCC A 1 3  ? 11.118  10.607  5.058   1.00 34.22  ? 3   LCC A "C4'" 1 
HETATM 45  O "O4'" . LCC A 1 3  ? 10.802  11.994  5.116   1.00 34.32  ? 3   LCC A "O4'" 1 
HETATM 46  C "C1'" . LCC A 1 3  ? 9.749   12.129  6.090   1.00 33.01  ? 3   LCC A "C1'" 1 
HETATM 47  N N1    . LCC A 1 3  ? 8.498   12.689  5.464   1.00 32.34  ? 3   LCC A N1    1 
HETATM 48  C C6    . LCC A 1 3  ? 8.392   12.772  4.075   1.00 33.11  ? 3   LCC A C6    1 
HETATM 49  C C5    . LCC A 1 3  ? 7.277   13.259  3.477   1.00 32.19  ? 3   LCC A C5    1 
HETATM 50  C C5M   . LCC A 1 3  ? 7.275   13.303  2.076   1.00 37.58  ? 3   LCC A C5M   1 
HETATM 51  C C4    . LCC A 1 3  ? 6.235   13.714  4.308   1.00 34.14  ? 3   LCC A C4    1 
HETATM 52  N N4    . LCC A 1 3  ? 5.145   14.211  3.721   1.00 31.58  ? 3   LCC A N4    1 
HETATM 53  N N3    . LCC A 1 3  ? 6.328   13.576  5.654   1.00 29.40  ? 3   LCC A N3    1 
HETATM 54  C C2    . LCC A 1 3  ? 7.469   13.106  6.215   1.00 28.82  ? 3   LCC A C2    1 
HETATM 55  O O2    . LCC A 1 3  ? 7.557   13.035  7.443   1.00 29.42  ? 3   LCC A O2    1 
HETATM 56  C "C3'" . LCC A 1 3  ? 9.775   9.945   5.220   1.00 33.21  ? 3   LCC A "C3'" 1 
HETATM 57  C "C2'" . LCC A 1 3  ? 9.581   10.719  6.565   1.00 31.91  ? 3   LCC A "C2'" 1 
HETATM 58  O "O2'" . LCC A 1 3  ? 10.669  10.312  7.314   1.00 30.53  ? 3   LCC A "O2'" 1 
HETATM 59  O "O3'" . LCC A 1 3  ? 9.922   8.552   5.403   1.00 38.00  ? 3   LCC A "O3'" 1 
HETATM 60  C "C6'" . LCC A 1 3  ? 11.842  10.184  6.313   1.00 32.50  ? 3   LCC A "C6'" 1 
HETATM 61  P P     . LCC A 1 3  ? 11.306  10.909  1.120   1.00 35.18  ? 3   LCC A P     1 
HETATM 62  O O1P   . LCC A 1 3  ? 12.258  9.875   0.612   1.00 35.13  ? 3   LCC A O1P   1 
HETATM 63  O O2P   . LCC A 1 3  ? 10.041  11.224  0.408   1.00 36.65  ? 3   LCC A O2P   1 
HETATM 64  P P     . LCG A 1 4  ? 8.780   7.506   4.991   1.00 33.66  ? 4   LCG A P     1 
HETATM 65  O OP1   . LCG A 1 4  ? 9.364   6.173   5.156   1.00 36.37  ? 4   LCG A OP1   1 
HETATM 66  O "O5'" . LCG A 1 4  ? 7.630   7.746   6.088   1.00 29.14  ? 4   LCG A "O5'" 1 
HETATM 67  C "C5'" . LCG A 1 4  ? 7.934   7.342   7.477   1.00 30.57  ? 4   LCG A "C5'" 1 
HETATM 68  C "C3'" . LCG A 1 4  ? 5.453   7.369   7.883   1.00 28.27  ? 4   LCG A "C3'" 1 
HETATM 69  C "C6'" . LCG A 1 4  ? 6.867   7.762   9.819   1.00 27.49  ? 4   LCG A "C6'" 1 
HETATM 70  N N9    . LCG A 1 4  ? 4.581   10.327  7.383   1.00 32.87  ? 4   LCG A N9    1 
HETATM 71  C C8    . LCG A 1 4  ? 5.059   10.470  6.139   1.00 36.27  ? 4   LCG A C8    1 
HETATM 72  C C4    . LCG A 1 4  ? 3.455   11.060  7.501   1.00 30.83  ? 4   LCG A C4    1 
HETATM 73  N N7    . LCG A 1 4  ? 4.186   11.244  5.475   1.00 39.19  ? 4   LCG A N7    1 
HETATM 74  C C5    . LCG A 1 4  ? 3.209   11.627  6.326   1.00 34.88  ? 4   LCG A C5    1 
HETATM 75  C C6    . LCG A 1 4  ? 2.131   12.418  6.149   1.00 35.57  ? 4   LCG A C6    1 
HETATM 76  C "C2'" . LCG A 1 4  ? 4.720   8.177   8.887   1.00 30.83  ? 4   LCG A "C2'" 1 
HETATM 77  O O6    . LCG A 1 4  ? 1.865   12.949  5.062   1.00 32.95  ? 4   LCG A O6    1 
HETATM 78  C "C4'" . LCG A 1 4  ? 6.749   7.922   8.284   1.00 29.00  ? 4   LCG A "C4'" 1 
HETATM 79  C "C1'" . LCG A 1 4  ? 5.217   9.603   8.504   1.00 32.11  ? 4   LCG A "C1'" 1 
HETATM 80  C C2    . LCG A 1 4  ? 1.536   12.031  8.435   1.00 33.52  ? 4   LCG A C2    1 
HETATM 81  N N1    . LCG A 1 4  ? 1.250   12.622  7.198   1.00 35.15  ? 4   LCG A N1    1 
HETATM 82  O "O4'" . LCG A 1 4  ? 6.594   9.356   8.105   1.00 29.07  ? 4   LCG A "O4'" 1 
HETATM 83  O OP2   . LCG A 1 4  ? 8.226   7.934   3.672   1.00 33.62  ? 4   LCG A OP2   1 
HETATM 84  N N2    . LCG A 1 4  ? 0.687   12.212  9.421   1.00 28.89  ? 4   LCG A N2    1 
HETATM 85  N N3    . LCG A 1 4  ? 2.626   11.245  8.543   1.00 31.13  ? 4   LCG A N3    1 
HETATM 86  O "O2'" . LCG A 1 4  ? 5.413   7.954   10.144  1.00 32.13  ? 4   LCG A "O2'" 1 
HETATM 87  O "O3'" . LCG A 1 4  ? 5.500   5.912   8.034   1.00 32.81  ? 4   LCG A "O3'" 1 
ATOM   88  P P     . A   A 1 5  ? 4.397   4.995   7.424   1.00 32.75  ? 5   A   A P     1 
ATOM   89  O OP1   . A   A 1 5  ? 4.680   3.640   7.898   1.00 30.03  ? 5   A   A OP1   1 
ATOM   90  O OP2   . A   A 1 5  ? 4.264   5.256   5.964   1.00 29.61  ? 5   A   A OP2   1 
ATOM   91  O "O5'" . A   A 1 5  ? 3.070   5.546   8.105   1.00 32.96  ? 5   A   A "O5'" 1 
ATOM   92  C "C5'" . A   A 1 5  ? 2.776   5.198   9.461   1.00 26.54  ? 5   A   A "C5'" 1 
ATOM   93  C "C4'" . A   A 1 5  ? 1.448   5.774   9.872   1.00 25.57  ? 5   A   A "C4'" 1 
ATOM   94  O "O4'" . A   A 1 5  ? 1.508   7.228   9.764   1.00 28.17  ? 5   A   A "O4'" 1 
ATOM   95  C "C3'" . A   A 1 5  ? 0.240   5.391   9.029   1.00 27.39  ? 5   A   A "C3'" 1 
ATOM   96  O "O3'" . A   A 1 5  ? -0.158  4.084   9.440   1.00 30.86  ? 5   A   A "O3'" 1 
ATOM   97  C "C2'" . A   A 1 5  ? -0.702  6.527   9.401   1.00 28.28  ? 5   A   A "C2'" 1 
ATOM   98  O "O2'" . A   A 1 5  ? -1.185  6.283   10.706  1.00 26.02  ? 5   A   A "O2'" 1 
ATOM   99  C "C1'" . A   A 1 5  ? 0.247   7.724   9.323   1.00 30.19  ? 5   A   A "C1'" 1 
ATOM   100 N N9    . A   A 1 5  ? 0.428   8.281   7.976   1.00 30.73  ? 5   A   A N9    1 
ATOM   101 C C8    . A   A 1 5  ? 1.447   8.022   7.093   1.00 33.52  ? 5   A   A C8    1 
ATOM   102 N N7    . A   A 1 5  ? 1.338   8.665   5.953   1.00 33.08  ? 5   A   A N7    1 
ATOM   103 C C5    . A   A 1 5  ? 0.169   9.400   6.098   1.00 30.87  ? 5   A   A C5    1 
ATOM   104 C C6    . A   A 1 5  ? -0.474  10.325  5.255   1.00 32.48  ? 5   A   A C6    1 
ATOM   105 N N6    . A   A 1 5  ? -0.037  10.639  4.033   1.00 34.55  ? 5   A   A N6    1 
ATOM   106 N N1    . A   A 1 5  ? -1.601  10.915  5.710   1.00 31.60  ? 5   A   A N1    1 
ATOM   107 C C2    . A   A 1 5  ? -2.032  10.606  6.942   1.00 35.14  ? 5   A   A C2    1 
ATOM   108 N N3    . A   A 1 5  ? -1.505  9.765   7.835   1.00 31.05  ? 5   A   A N3    1 
ATOM   109 C C4    . A   A 1 5  ? -0.388  9.194   7.348   1.00 29.93  ? 5   A   A C4    1 
ATOM   110 P P     . C   A 1 6  ? -0.893  3.102   8.425   1.00 35.05  ? 6   C   A P     1 
ATOM   111 O OP1   . C   A 1 6  ? -0.996  1.784   9.098   1.00 35.52  ? 6   C   A OP1   1 
ATOM   112 O OP2   . C   A 1 6  ? -0.183  3.224   7.138   1.00 27.50  ? 6   C   A OP2   1 
ATOM   113 O "O5'" . C   A 1 6  ? -2.342  3.747   8.234   1.00 33.21  ? 6   C   A "O5'" 1 
ATOM   114 C "C5'" . C   A 1 6  ? -3.269  3.885   9.320   1.00 34.41  ? 6   C   A "C5'" 1 
ATOM   115 C "C4'" . C   A 1 6  ? -4.406  4.798   8.920   1.00 38.49  ? 6   C   A "C4'" 1 
ATOM   116 O "O4'" . C   A 1 6  ? -3.928  6.147   8.627   1.00 43.96  ? 6   C   A "O4'" 1 
ATOM   117 C "C3'" . C   A 1 6  ? -5.123  4.397   7.651   1.00 40.95  ? 6   C   A "C3'" 1 
ATOM   118 O "O3'" . C   A 1 6  ? -5.978  3.291   7.885   1.00 41.35  ? 6   C   A "O3'" 1 
ATOM   119 C "C2'" . C   A 1 6  ? -5.804  5.697   7.269   1.00 42.73  ? 6   C   A "C2'" 1 
ATOM   120 O "O2'" . C   A 1 6  ? -6.918  5.977   8.090   1.00 46.77  ? 6   C   A "O2'" 1 
ATOM   121 C "C1'" . C   A 1 6  ? -4.684  6.692   7.559   1.00 39.78  ? 6   C   A "C1'" 1 
ATOM   122 N N1    . C   A 1 6  ? -3.776  6.926   6.424   1.00 36.97  ? 6   C   A N1    1 
ATOM   123 C C2    . C   A 1 6  ? -4.130  7.886   5.481   1.00 38.77  ? 6   C   A C2    1 
ATOM   124 O O2    . C   A 1 6  ? -5.229  8.452   5.589   1.00 42.40  ? 6   C   A O2    1 
ATOM   125 N N3    . C   A 1 6  ? -3.289  8.147   4.450   1.00 35.76  ? 6   C   A N3    1 
ATOM   126 C C4    . C   A 1 6  ? -2.129  7.497   4.359   1.00 37.29  ? 6   C   A C4    1 
ATOM   127 N N4    . C   A 1 6  ? -1.325  7.791   3.339   1.00 37.49  ? 6   C   A N4    1 
ATOM   128 C C5    . C   A 1 6  ? -1.727  6.534   5.330   1.00 37.62  ? 6   C   A C5    1 
ATOM   129 C C6    . C   A 1 6  ? -2.572  6.284   6.336   1.00 35.98  ? 6   C   A C6    1 
ATOM   130 P P     . U   A 1 7  ? -6.302  2.292   6.680   1.00 41.50  ? 7   U   A P     1 
ATOM   131 O OP1   . U   A 1 7  ? -7.211  1.242   7.204   1.00 38.45  ? 7   U   A OP1   1 
ATOM   132 O OP2   . U   A 1 7  ? -5.029  1.890   6.039   1.00 42.02  ? 7   U   A OP2   1 
ATOM   133 O "O5'" . U   A 1 7  ? -7.060  3.229   5.639   1.00 42.09  ? 7   U   A "O5'" 1 
ATOM   134 C "C5'" . U   A 1 7  ? -8.433  3.581   5.852   1.00 44.84  ? 7   U   A "C5'" 1 
ATOM   135 C "C4'" . U   A 1 7  ? -8.897  4.484   4.741   1.00 46.61  ? 7   U   A "C4'" 1 
ATOM   136 O "O4'" . U   A 1 7  ? -7.983  5.596   4.608   1.00 44.35  ? 7   U   A "O4'" 1 
ATOM   137 C "C3'" . U   A 1 7  ? -8.873  3.870   3.353   1.00 46.09  ? 7   U   A "C3'" 1 
ATOM   138 O "O3'" . U   A 1 7  ? -9.975  3.022   3.163   1.00 47.79  ? 7   U   A "O3'" 1 
ATOM   139 C "C2'" . U   A 1 7  ? -8.894  5.112   2.486   1.00 45.59  ? 7   U   A "C2'" 1 
ATOM   140 O "O2'" . U   A 1 7  ? -10.158 5.734   2.464   1.00 43.93  ? 7   U   A "O2'" 1 
ATOM   141 C "C1'" . U   A 1 7  ? -7.901  5.986   3.241   1.00 42.84  ? 7   U   A "C1'" 1 
ATOM   142 N N1    . U   A 1 7  ? -6.513  5.835   2.784   1.00 42.89  ? 7   U   A N1    1 
ATOM   143 C C2    . U   A 1 7  ? -6.106  6.620   1.718   1.00 44.40  ? 7   U   A C2    1 
ATOM   144 O O2    . U   A 1 7  ? -6.855  7.388   1.136   1.00 52.61  ? 7   U   A O2    1 
ATOM   145 N N3    . U   A 1 7  ? -4.790  6.476   1.365   1.00 43.83  ? 7   U   A N3    1 
ATOM   146 C C4    . U   A 1 7  ? -3.857  5.635   1.937   1.00 43.48  ? 7   U   A C4    1 
ATOM   147 O O4    . U   A 1 7  ? -2.702  5.623   1.501   1.00 44.85  ? 7   U   A O4    1 
ATOM   148 C C5    . U   A 1 7  ? -4.356  4.844   3.023   1.00 44.35  ? 7   U   A C5    1 
ATOM   149 C C6    . U   A 1 7  ? -5.633  4.969   3.401   1.00 42.53  ? 7   U   A C6    1 
ATOM   150 P P     . U   A 1 8  ? -9.851  1.746   2.210   1.00 51.75  ? 8   U   A P     1 
ATOM   151 O OP1   . U   A 1 8  ? -11.095 0.970   2.415   1.00 52.10  ? 8   U   A OP1   1 
ATOM   152 O OP2   . U   A 1 8  ? -8.521  1.090   2.418   1.00 45.03  ? 8   U   A OP2   1 
ATOM   153 O "O5'" . U   A 1 8  ? -9.838  2.408   0.768   1.00 51.80  ? 8   U   A "O5'" 1 
ATOM   154 C "C5'" . U   A 1 8  ? -10.999 3.140   0.326   1.00 55.71  ? 8   U   A "C5'" 1 
ATOM   155 C "C4'" . U   A 1 8  ? -10.714 3.773   -1.000  1.00 57.52  ? 8   U   A "C4'" 1 
ATOM   156 O "O4'" . U   A 1 8  ? -9.686  4.778   -0.826  1.00 55.49  ? 8   U   A "O4'" 1 
ATOM   157 C "C3'" . U   A 1 8  ? -10.132 2.848   -2.057  1.00 59.60  ? 8   U   A "C3'" 1 
ATOM   158 O "O3'" . U   A 1 8  ? -11.116 2.041   -2.702  1.00 65.03  ? 8   U   A "O3'" 1 
ATOM   159 C "C2'" . U   A 1 8  ? -9.469  3.839   -2.991  1.00 56.58  ? 8   U   A "C2'" 1 
ATOM   160 O "O2'" . U   A 1 8  ? -10.411 4.494   -3.804  1.00 63.13  ? 8   U   A "O2'" 1 
ATOM   161 C "C1'" . U   A 1 8  ? -8.874  4.826   -1.991  1.00 55.99  ? 8   U   A "C1'" 1 
ATOM   162 N N1    . U   A 1 8  ? -7.482  4.521   -1.625  1.00 54.48  ? 8   U   A N1    1 
ATOM   163 C C2    . U   A 1 8  ? -6.492  5.043   -2.436  1.00 50.37  ? 8   U   A C2    1 
ATOM   164 O O2    . U   A 1 8  ? -6.732  5.721   -3.420  1.00 54.48  ? 8   U   A O2    1 
ATOM   165 N N3    . U   A 1 8  ? -5.210  4.737   -2.055  1.00 47.21  ? 8   U   A N3    1 
ATOM   166 C C4    . U   A 1 8  ? -4.818  3.995   -0.963  1.00 49.50  ? 8   U   A C4    1 
ATOM   167 O O4    . U   A 1 8  ? -3.618  3.808   -0.757  1.00 49.51  ? 8   U   A O4    1 
ATOM   168 C C5    . U   A 1 8  ? -5.898  3.469   -0.183  1.00 53.23  ? 8   U   A C5    1 
ATOM   169 C C6    . U   A 1 8  ? -7.163  3.738   -0.535  1.00 52.75  ? 8   U   A C6    1 
ATOM   170 P P     . A   A 1 9  ? -10.698 0.621   -3.313  1.00 65.74  ? 9   A   A P     1 
ATOM   171 O OP1   . A   A 1 9  ? -11.939 -0.048  -3.773  1.00 79.07  ? 9   A   A OP1   1 
ATOM   172 O OP2   . A   A 1 9  ? -9.825  -0.081  -2.339  1.00 60.76  ? 9   A   A OP2   1 
ATOM   173 O "O5'" . A   A 1 9  ? -9.780  1.013   -4.559  1.00 62.40  ? 9   A   A "O5'" 1 
ATOM   174 C "C5'" . A   A 1 9  ? -10.328 1.637   -5.730  1.00 56.57  ? 9   A   A "C5'" 1 
ATOM   175 C "C4'" . A   A 1 9  ? -9.241  1.947   -6.727  1.00 59.61  ? 9   A   A "C4'" 1 
ATOM   176 O "O4'" . A   A 1 9  ? -8.335  2.942   -6.176  1.00 59.18  ? 9   A   A "O4'" 1 
ATOM   177 C "C3'" . A   A 1 9  ? -8.316  0.794   -7.111  1.00 60.05  ? 9   A   A "C3'" 1 
ATOM   178 O "O3'" . A   A 1 9  ? -8.862  -0.094  -8.082  1.00 67.54  ? 9   A   A "O3'" 1 
ATOM   179 C "C2'" . A   A 1 9  ? -7.113  1.547   -7.658  1.00 58.33  ? 9   A   A "C2'" 1 
ATOM   180 O "O2'" . A   A 1 9  ? -7.244  1.949   -9.008  1.00 54.70  ? 9   A   A "O2'" 1 
ATOM   181 C "C1'" . A   A 1 9  ? -7.023  2.708   -6.665  1.00 56.26  ? 9   A   A "C1'" 1 
ATOM   182 N N9    . A   A 1 9  ? -6.141  2.417   -5.532  1.00 51.90  ? 9   A   A N9    1 
ATOM   183 C C8    . A   A 1 9  ? -6.447  1.893   -4.299  1.00 51.76  ? 9   A   A C8    1 
ATOM   184 N N7    . A   A 1 9  ? -5.406  1.740   -3.516  1.00 50.45  ? 9   A   A N7    1 
ATOM   185 C C5    . A   A 1 9  ? -4.342  2.187   -4.286  1.00 52.45  ? 9   A   A C5    1 
ATOM   186 C C6    . A   A 1 9  ? -2.961  2.270   -4.036  1.00 55.28  ? 9   A   A C6    1 
ATOM   187 N N6    . A   A 1 9  ? -2.396  1.914   -2.878  1.00 54.53  ? 9   A   A N6    1 
ATOM   188 N N1    . A   A 1 9  ? -2.168  2.735   -5.028  1.00 55.74  ? 9   A   A N1    1 
ATOM   189 C C2    . A   A 1 9  ? -2.736  3.089   -6.191  1.00 58.99  ? 9   A   A C2    1 
ATOM   190 N N3    . A   A 1 9  ? -4.019  3.051   -6.546  1.00 54.37  ? 9   A   A N3    1 
ATOM   191 C C4    . A   A 1 9  ? -4.778  2.582   -5.539  1.00 53.87  ? 9   A   A C4    1 
ATOM   192 P P     . A   A 1 10 ? -8.382  -1.627  -8.136  1.00 70.32  ? 10  A   A P     1 
ATOM   193 O OP1   . A   A 1 10 ? -9.249  -2.352  -9.096  1.00 74.47  ? 10  A   A OP1   1 
ATOM   194 O OP2   . A   A 1 10 ? -8.263  -2.129  -6.747  1.00 68.72  ? 10  A   A OP2   1 
ATOM   195 O "O5'" . A   A 1 10 ? -6.933  -1.531  -8.776  1.00 64.61  ? 10  A   A "O5'" 1 
ATOM   196 C "C5'" . A   A 1 10 ? -6.759  -1.203  -10.158 1.00 62.21  ? 10  A   A "C5'" 1 
ATOM   197 C "C4'" . A   A 1 10 ? -5.303  -0.955  -10.421 1.00 58.41  ? 10  A   A "C4'" 1 
ATOM   198 O "O4'" . A   A 1 10 ? -4.798  0.051   -9.497  1.00 54.28  ? 10  A   A "O4'" 1 
ATOM   199 C "C3'" . A   A 1 10 ? -4.376  -2.133  -10.165 1.00 60.17  ? 10  A   A "C3'" 1 
ATOM   200 O "O3'" . A   A 1 10 ? -4.481  -3.125  -11.172 1.00 59.37  ? 10  A   A "O3'" 1 
ATOM   201 C "C2'" . A   A 1 10 ? -3.039  -1.419  -10.057 1.00 57.87  ? 10  A   A "C2'" 1 
ATOM   202 O "O2'" . A   A 1 10 ? -2.491  -0.958  -11.274 1.00 61.43  ? 10  A   A "O2'" 1 
ATOM   203 C "C1'" . A   A 1 10 ? -3.438  -0.230  -9.193  1.00 56.65  ? 10  A   A "C1'" 1 
ATOM   204 N N9    . A   A 1 10 ? -3.325  -0.504  -7.761  1.00 54.08  ? 10  A   A N9    1 
ATOM   205 C C8    . A   A 1 10 ? -4.308  -0.828  -6.855  1.00 56.26  ? 10  A   A C8    1 
ATOM   206 N N7    . A   A 1 10 ? -3.864  -0.999  -5.633  1.00 55.74  ? 10  A   A N7    1 
ATOM   207 C C5    . A   A 1 10 ? -2.500  -0.769  -5.740  1.00 55.43  ? 10  A   A C5    1 
ATOM   208 C C6    . A   A 1 10 ? -1.461  -0.804  -4.798  1.00 52.15  ? 10  A   A C6    1 
ATOM   209 N N6    . A   A 1 10 ? -1.646  -1.075  -3.508  1.00 51.93  ? 10  A   A N6    1 
ATOM   210 N N1    . A   A 1 10 ? -0.209  -0.541  -5.232  1.00 51.32  ? 10  A   A N1    1 
ATOM   211 C C2    . A   A 1 10 ? -0.026  -0.257  -6.529  1.00 56.92  ? 10  A   A C2    1 
ATOM   212 N N3    . A   A 1 10 ? -0.923  -0.194  -7.511  1.00 52.43  ? 10  A   A N3    1 
ATOM   213 C C4    . A   A 1 10 ? -2.155  -0.465  -7.045  1.00 54.89  ? 10  A   A C4    1 
ATOM   214 P P     . G   A 1 11 ? -4.145  -4.642  -10.831 1.00 64.27  ? 11  G   A P     1 
ATOM   215 O OP1   . G   A 1 11 ? -4.534  -5.455  -11.997 1.00 68.96  ? 11  G   A OP1   1 
ATOM   216 O OP2   . G   A 1 11 ? -4.710  -4.963  -9.498  1.00 67.51  ? 11  G   A OP2   1 
ATOM   217 O "O5'" . G   A 1 11 ? -2.559  -4.650  -10.731 1.00 54.31  ? 11  G   A "O5'" 1 
ATOM   218 C "C5'" . G   A 1 11 ? -1.743  -4.371  -11.869 1.00 54.01  ? 11  G   A "C5'" 1 
ATOM   219 C "C4'" . G   A 1 11 ? -0.300  -4.293  -11.443 1.00 51.99  ? 11  G   A "C4'" 1 
ATOM   220 O "O4'" . G   A 1 11 ? -0.141  -3.222  -10.476 1.00 56.21  ? 11  G   A "O4'" 1 
ATOM   221 C "C3'" . G   A 1 11 ? 0.237   -5.514  -10.724 1.00 55.63  ? 11  G   A "C3'" 1 
ATOM   222 O "O3'" . G   A 1 11 ? 0.567   -6.549  -11.646 1.00 56.34  ? 11  G   A "O3'" 1 
ATOM   223 C "C2'" . G   A 1 11 ? 1.427   -4.920  -9.982  1.00 53.47  ? 11  G   A "C2'" 1 
ATOM   224 O "O2'" . G   A 1 11 ? 2.598   -4.767  -10.761 1.00 52.20  ? 11  G   A "O2'" 1 
ATOM   225 C "C1'" . G   A 1 11 ? 0.843   -3.581  -9.525  1.00 50.67  ? 11  G   A "C1'" 1 
ATOM   226 N N9    . G   A 1 11 ? 0.210   -3.661  -8.211  1.00 46.68  ? 11  G   A N9    1 
ATOM   227 C C8    . G   A 1 11 ? -1.130  -3.746  -7.915  1.00 45.04  ? 11  G   A C8    1 
ATOM   228 N N7    . G   A 1 11 ? -1.367  -3.815  -6.633  1.00 45.13  ? 11  G   A N7    1 
ATOM   229 C C5    . G   A 1 11 ? -0.111  -3.779  -6.049  1.00 46.11  ? 11  G   A C5    1 
ATOM   230 C C6    . G   A 1 11 ? 0.268   -3.823  -4.685  1.00 41.82  ? 11  G   A C6    1 
ATOM   231 O O6    . G   A 1 11 ? -0.452  -3.936  -3.692  1.00 44.52  ? 11  G   A O6    1 
ATOM   232 N N1    . G   A 1 11 ? 1.649   -3.789  -4.538  1.00 42.43  ? 11  G   A N1    1 
ATOM   233 C C2    . G   A 1 11 ? 2.551   -3.677  -5.567  1.00 46.71  ? 11  G   A C2    1 
ATOM   234 N N2    . G   A 1 11 ? 3.845   -3.633  -5.224  1.00 46.42  ? 11  G   A N2    1 
ATOM   235 N N3    . G   A 1 11 ? 2.211   -3.624  -6.843  1.00 43.67  ? 11  G   A N3    1 
ATOM   236 C C4    . G   A 1 11 ? 0.874   -3.689  -7.009  1.00 46.19  ? 11  G   A C4    1 
ATOM   237 P P     . U   A 1 12 ? 0.323   -8.085  -11.259 1.00 58.13  ? 12  U   A P     1 
ATOM   238 O OP1   . U   A 1 12 ? 0.662   -8.917  -12.439 1.00 62.41  ? 12  U   A OP1   1 
ATOM   239 O OP2   . U   A 1 12 ? -0.996  -8.226  -10.581 1.00 50.72  ? 12  U   A OP2   1 
ATOM   240 O "O5'" . U   A 1 12 ? 1.440   -8.345  -10.160 1.00 57.73  ? 12  U   A "O5'" 1 
ATOM   241 C "C5'" . U   A 1 12 ? 2.820   -8.384  -10.516 1.00 53.49  ? 12  U   A "C5'" 1 
ATOM   242 C "C4'" . U   A 1 12 ? 3.656   -8.498  -9.276  1.00 52.05  ? 12  U   A "C4'" 1 
ATOM   243 O "O4'" . U   A 1 12 ? 3.413   -7.364  -8.400  1.00 54.66  ? 12  U   A "O4'" 1 
ATOM   244 C "C3'" . U   A 1 12 ? 3.344   -9.685  -8.388  1.00 51.57  ? 12  U   A "C3'" 1 
ATOM   245 O "O3'" . U   A 1 12 ? 3.888   -10.877 -8.922  1.00 56.83  ? 12  U   A "O3'" 1 
ATOM   246 C "C2'" . U   A 1 12 ? 3.978   -9.239  -7.086  1.00 47.85  ? 12  U   A "C2'" 1 
ATOM   247 O "O2'" . U   A 1 12 ? 5.385   -9.203  -7.049  1.00 44.04  ? 12  U   A "O2'" 1 
ATOM   248 C "C1'" . U   A 1 12 ? 3.527   -7.787  -7.047  1.00 47.39  ? 12  U   A "C1'" 1 
ATOM   249 N N1    . U   A 1 12 ? 2.249   -7.569  -6.349  1.00 42.52  ? 12  U   A N1    1 
ATOM   250 C C2    . U   A 1 12 ? 2.314   -7.385  -4.980  1.00 40.90  ? 12  U   A C2    1 
ATOM   251 O O2    . U   A 1 12 ? 3.354   -7.465  -4.351  1.00 37.64  ? 12  U   A O2    1 
ATOM   252 N N3    . U   A 1 12 ? 1.112   -7.119  -4.374  1.00 33.98  ? 12  U   A N3    1 
ATOM   253 C C4    . U   A 1 12 ? -0.127  -7.050  -4.973  1.00 38.01  ? 12  U   A C4    1 
ATOM   254 O O4    . U   A 1 12 ? -1.119  -6.802  -4.284  1.00 34.96  ? 12  U   A O4    1 
ATOM   255 C C5    . U   A 1 12 ? -0.115  -7.247  -6.393  1.00 38.21  ? 12  U   A C5    1 
ATOM   256 C C6    . U   A 1 12 ? 1.044   -7.499  -7.017  1.00 38.58  ? 12  U   A C6    1 
ATOM   257 P P     . C   A 1 13 ? 3.181   -12.263 -8.646  1.00 54.51  ? 13  C   A P     1 
ATOM   258 O OP1   . C   A 1 13 ? 3.853   -13.269 -9.503  1.00 57.14  ? 13  C   A OP1   1 
ATOM   259 O OP2   . C   A 1 13 ? 1.709   -12.084 -8.734  1.00 48.47  ? 13  C   A OP2   1 
ATOM   260 O "O5'" . C   A 1 13 ? 3.616   -12.581 -7.143  1.00 45.04  ? 13  C   A "O5'" 1 
ATOM   261 C "C5'" . C   A 1 13 ? 5.006   -12.731 -6.787  1.00 43.42  ? 13  C   A "C5'" 1 
ATOM   262 C "C4'" . C   A 1 13 ? 5.178   -12.772 -5.282  1.00 41.40  ? 13  C   A "C4'" 1 
ATOM   263 O "O4'" . C   A 1 13 ? 4.802   -11.496 -4.699  1.00 43.78  ? 13  C   A "O4'" 1 
ATOM   264 C "C3'" . C   A 1 13 ? 4.316   -13.784 -4.548  1.00 42.88  ? 13  C   A "C3'" 1 
ATOM   265 O "O3'" . C   A 1 13 ? 4.969   -15.041 -4.544  1.00 38.90  ? 13  C   A "O3'" 1 
ATOM   266 C "C2'" . C   A 1 13 ? 4.278   -13.199 -3.145  1.00 38.86  ? 13  C   A "C2'" 1 
ATOM   267 O "O2'" . C   A 1 13 ? 5.457   -13.514 -2.443  1.00 32.90  ? 13  C   A "O2'" 1 
ATOM   268 C "C1'" . C   A 1 13 ? 4.182   -11.710 -3.442  1.00 37.87  ? 13  C   A "C1'" 1 
ATOM   269 N N1    . C   A 1 13 ? 2.779   -11.270 -3.508  1.00 39.00  ? 13  C   A N1    1 
ATOM   270 C C2    . C   A 1 13 ? 2.164   -10.825 -2.330  1.00 39.66  ? 13  C   A C2    1 
ATOM   271 O O2    . C   A 1 13 ? 2.833   -10.774 -1.283  1.00 37.19  ? 13  C   A O2    1 
ATOM   272 N N3    . C   A 1 13 ? 0.866   -10.445 -2.367  1.00 36.33  ? 13  C   A N3    1 
ATOM   273 C C4    . C   A 1 13 ? 0.183   -10.514 -3.512  1.00 37.64  ? 13  C   A C4    1 
ATOM   274 N N4    . C   A 1 13 ? -1.100  -10.146 -3.496  1.00 35.25  ? 13  C   A N4    1 
ATOM   275 C C5    . C   A 1 13 ? 0.777   -10.983 -4.718  1.00 37.01  ? 13  C   A C5    1 
ATOM   276 C C6    . C   A 1 13 ? 2.060   -11.361 -4.668  1.00 37.60  ? 13  C   A C6    1 
HETATM 277 P P     . GAO A 1 14 ? 4.193   -16.341 -4.015  1.00 43.29  ? 14  GAO A P     1 
HETATM 278 O OP1   . GAO A 1 14 ? 5.104   -17.521 -4.181  1.00 42.62  ? 14  GAO A OP1   1 
HETATM 279 O OP2   . GAO A 1 14 ? 2.867   -16.314 -4.617  1.00 36.69  ? 14  GAO A OP2   1 
HETATM 280 O "O5'" . GAO A 1 14 ? 4.190   -16.118 -2.441  1.00 38.65  ? 14  GAO A "O5'" 1 
HETATM 281 C "C5'" . GAO A 1 14 ? 3.419   -16.863 -1.433  1.00 36.38  ? 14  GAO A "C5'" 1 
HETATM 282 C "C4'" . GAO A 1 14 ? 3.341   -15.929 -0.194  1.00 32.56  ? 14  GAO A "C4'" 1 
HETATM 283 O "O4'" . GAO A 1 14 ? 2.637   -14.715 -0.612  1.00 31.17  ? 14  GAO A "O4'" 1 
HETATM 284 C "C3'" . GAO A 1 14 ? 2.493   -16.570 0.913   1.00 31.61  ? 14  GAO A "C3'" 1 
HETATM 285 O "O3'" . GAO A 1 14 ? 3.075   -16.491 2.132   1.00 29.47  ? 14  GAO A "O3'" 1 
HETATM 286 C "C2'" . GAO A 1 14 ? 1.245   -15.856 0.850   1.00 30.99  ? 14  GAO A "C2'" 1 
HETATM 287 O "O2'" . GAO A 1 14 ? 0.544   -16.621 -0.198  1.00 30.35  ? 14  GAO A "O2'" 1 
HETATM 288 C "C1'" . GAO A 1 14 ? 1.597   -14.462 0.325   1.00 32.55  ? 14  GAO A "C1'" 1 
HETATM 289 N N9    . GAO A 1 14 ? 0.478   -13.868 -0.384  1.00 31.80  ? 14  GAO A N9    1 
HETATM 290 C C8    . GAO A 1 14 ? 0.223   -13.880 -1.697  1.00 33.67  ? 14  GAO A C8    1 
HETATM 291 N N7    . GAO A 1 14 ? -0.970  -13.296 -1.904  1.00 31.51  ? 14  GAO A N7    1 
HETATM 292 C C5    . GAO A 1 14 ? -1.447  -12.900 -0.701  1.00 33.83  ? 14  GAO A C5    1 
HETATM 293 C C6    . GAO A 1 14 ? -2.596  -12.284 -0.334  1.00 35.01  ? 14  GAO A C6    1 
HETATM 294 O O6    . GAO A 1 14 ? -3.449  -11.906 -1.156  1.00 34.45  ? 14  GAO A O6    1 
HETATM 295 N N1    . GAO A 1 14 ? -2.847  -12.050 1.018   1.00 31.67  ? 14  GAO A N1    1 
HETATM 296 C C2    . GAO A 1 14 ? -1.896  -12.433 1.977   1.00 38.38  ? 14  GAO A C2    1 
HETATM 297 N N2    . GAO A 1 14 ? -2.134  -12.213 3.299   1.00 36.68  ? 14  GAO A N2    1 
HETATM 298 N N3    . GAO A 1 14 ? -0.787  -13.054 1.553   1.00 33.41  ? 14  GAO A N3    1 
HETATM 299 C C4    . GAO A 1 14 ? -0.563  -13.292 0.239   1.00 35.95  ? 14  GAO A C4    1 
ATOM   300 O OP3   . G   B 2 1  ? -6.753  -19.874 -5.651  1.00 98.17  ? 1   G   B OP3   1 
ATOM   301 P P     . G   B 2 1  ? -5.357  -19.852 -4.924  1.00 108.91 ? 1   G   B P     1 
ATOM   302 O OP1   . G   B 2 1  ? -5.637  -19.869 -3.459  1.00 106.92 ? 1   G   B OP1   1 
ATOM   303 O OP2   . G   B 2 1  ? -4.506  -20.914 -5.527  1.00 106.09 ? 1   G   B OP2   1 
ATOM   304 O "O5'" . G   B 2 1  ? -4.727  -18.444 -5.340  1.00 94.20  ? 1   G   B "O5'" 1 
ATOM   305 C "C5'" . G   B 2 1  ? -4.356  -17.451 -4.359  1.00 72.36  ? 1   G   B "C5'" 1 
ATOM   306 C "C4'" . G   B 2 1  ? -5.578  -16.676 -3.912  1.00 60.59  ? 1   G   B "C4'" 1 
ATOM   307 O "O4'" . G   B 2 1  ? -5.630  -16.618 -2.463  1.00 52.49  ? 1   G   B "O4'" 1 
ATOM   308 C "C3'" . G   B 2 1  ? -5.648  -15.229 -4.360  1.00 50.61  ? 1   G   B "C3'" 1 
ATOM   309 O "O3'" . G   B 2 1  ? -7.020  -14.869 -4.470  1.00 47.14  ? 1   G   B "O3'" 1 
ATOM   310 C "C2'" . G   B 2 1  ? -4.901  -14.498 -3.242  1.00 50.67  ? 1   G   B "C2'" 1 
ATOM   311 O "O2'" . G   B 2 1  ? -5.266  -13.141 -3.105  1.00 48.54  ? 1   G   B "O2'" 1 
ATOM   312 C "C1'" . G   B 2 1  ? -5.313  -15.306 -2.010  1.00 46.81  ? 1   G   B "C1'" 1 
ATOM   313 N N9    . G   B 2 1  ? -4.277  -15.455 -0.996  1.00 40.45  ? 1   G   B N9    1 
ATOM   314 C C8    . G   B 2 1  ? -3.014  -15.955 -1.201  1.00 36.42  ? 1   G   B C8    1 
ATOM   315 N N7    . G   B 2 1  ? -2.329  -16.089 -0.100  1.00 40.08  ? 1   G   B N7    1 
ATOM   316 C C5    . G   B 2 1  ? -3.195  -15.663 0.897   1.00 38.67  ? 1   G   B C5    1 
ATOM   317 C C6    . G   B 2 1  ? -2.991  -15.536 2.295   1.00 40.67  ? 1   G   B C6    1 
ATOM   318 O O6    . G   B 2 1  ? -1.981  -15.818 2.954   1.00 40.75  ? 1   G   B O6    1 
ATOM   319 N N1    . G   B 2 1  ? -4.125  -15.049 2.938   1.00 33.98  ? 1   G   B N1    1 
ATOM   320 C C2    . G   B 2 1  ? -5.299  -14.702 2.311   1.00 38.04  ? 1   G   B C2    1 
ATOM   321 N N2    . G   B 2 1  ? -6.275  -14.233 3.103   1.00 39.74  ? 1   G   B N2    1 
ATOM   322 N N3    . G   B 2 1  ? -5.485  -14.768 1.000   1.00 37.50  ? 1   G   B N3    1 
ATOM   323 C C4    . G   B 2 1  ? -4.403  -15.267 0.362   1.00 39.79  ? 1   G   B C4    1 
ATOM   324 O OP3   . G   C 2 1  ? -5.739  -21.873 6.272   1.00 161.61 ? 1   G   C OP3   1 
ATOM   325 P P     . G   C 2 1  ? -5.036  -21.091 7.435   1.00 166.49 ? 1   G   C P     1 
ATOM   326 O OP1   . G   C 2 1  ? -5.943  -20.982 8.568   1.00 168.13 ? 1   G   C OP1   1 
ATOM   327 O OP2   . G   C 2 1  ? -3.754  -21.676 7.659   1.00 166.52 ? 1   G   C OP2   1 
ATOM   328 O "O5'" . G   C 2 1  ? -4.641  -19.703 6.816   1.00 92.72  ? 1   G   C "O5'" 1 
ATOM   329 C "C5'" . G   C 2 1  ? -4.908  -18.536 7.633   1.00 76.14  ? 1   G   C "C5'" 1 
ATOM   330 C "C4'" . G   C 2 1  ? -6.330  -18.023 7.451   1.00 59.19  ? 1   G   C "C4'" 1 
ATOM   331 O "O4'" . G   C 2 1  ? -6.448  -17.326 6.174   1.00 44.46  ? 1   G   C "O4'" 1 
ATOM   332 C "C3'" . G   C 2 1  ? -7.443  -19.067 7.460   1.00 53.34  ? 1   G   C "C3'" 1 
ATOM   333 O "O3'" . G   C 2 1  ? -8.638  -18.569 8.043   1.00 59.07  ? 1   G   C "O3'" 1 
ATOM   334 C "C2'" . G   C 2 1  ? -7.659  -19.333 5.972   1.00 48.72  ? 1   G   C "C2'" 1 
ATOM   335 O "O2'" . G   C 2 1  ? -8.943  -19.840 5.749   1.00 45.27  ? 1   G   C "O2'" 1 
ATOM   336 C "C1'" . G   C 2 1  ? -7.492  -17.927 5.423   1.00 43.53  ? 1   G   C "C1'" 1 
ATOM   337 N N9    . G   C 2 1  ? -7.247  -17.793 3.982   1.00 35.20  ? 1   G   C N9    1 
ATOM   338 C C8    . G   C 2 1  ? -6.180  -18.181 3.210   1.00 34.48  ? 1   G   C C8    1 
ATOM   339 N N7    . G   C 2 1  ? -6.307  -17.844 1.952   1.00 37.10  ? 1   G   C N7    1 
ATOM   340 C C5    . G   C 2 1  ? -7.531  -17.193 1.897   1.00 34.65  ? 1   G   C C5    1 
ATOM   341 C C6    . G   C 2 1  ? -8.237  -16.652 0.796   1.00 30.75  ? 1   G   C C6    1 
ATOM   342 O O6    . G   C 2 1  ? -7.898  -16.611 -0.384  1.00 37.09  ? 1   G   C O6    1 
ATOM   343 N N1    . G   C 2 1  ? -9.445  -16.076 1.194   1.00 32.39  ? 1   G   C N1    1 
ATOM   344 C C2    . G   C 2 1  ? -9.942  -16.094 2.475   1.00 34.40  ? 1   G   C C2    1 
ATOM   345 N N2    . G   C 2 1  ? -11.133 -15.507 2.674   1.00 33.28  ? 1   G   C N2    1 
ATOM   346 N N3    . G   C 2 1  ? -9.321  -16.655 3.494   1.00 34.33  ? 1   G   C N3    1 
ATOM   347 C C4    . G   C 2 1  ? -8.133  -17.180 3.137   1.00 32.60  ? 1   G   C C4    1 
HETATM 348 O O     . HOH D 3 .  ? -3.473  -6.271  -4.332  1.00 50.69  ? 101 HOH A O     1 
HETATM 349 O O     . HOH D 3 .  ? -3.685  -4.492  -6.274  1.00 49.17  ? 102 HOH A O     1 
HETATM 350 O O     . HOH D 3 .  ? -8.743  1.823   9.027   1.00 47.12  ? 103 HOH A O     1 
HETATM 351 O O     . HOH D 3 .  ? 3.658   7.297   4.469   1.00 41.69  ? 104 HOH A O     1 
HETATM 352 O O     . HOH D 3 .  ? -5.049  -2.566  -3.711  1.00 50.06  ? 105 HOH A O     1 
HETATM 353 O O     . HOH D 3 .  ? 6.145   3.790   4.419   1.00 42.96  ? 106 HOH A O     1 
HETATM 354 O O     . HOH D 3 .  ? 4.136   10.915  2.589   1.00 36.42  ? 107 HOH A O     1 
HETATM 355 O O     . HOH D 3 .  ? 4.108   14.847  0.908   1.00 43.58  ? 108 HOH A O     1 
# 
loop_
_pdbx_poly_seq_scheme.asym_id 
_pdbx_poly_seq_scheme.entity_id 
_pdbx_poly_seq_scheme.seq_id 
_pdbx_poly_seq_scheme.mon_id 
_pdbx_poly_seq_scheme.ndb_seq_num 
_pdbx_poly_seq_scheme.pdb_seq_num 
_pdbx_poly_seq_scheme.auth_seq_num 
_pdbx_poly_seq_scheme.pdb_mon_id 
_pdbx_poly_seq_scheme.auth_mon_id 
_pdbx_poly_seq_scheme.pdb_strand_id 
_pdbx_poly_seq_scheme.pdb_ins_code 
_pdbx_poly_seq_scheme.hetero 
A 1 1  LCC 1  1  1  LCC LCC A . n 
A 1 2  LCC 2  2  2  LCC LCC A . n 
A 1 3  LCC 3  3  3  LCC LCC A . n 
A 1 4  LCG 4  4  4  LCG LCG A . n 
A 1 5  A   5  5  5  A   A   A . n 
A 1 6  C   6  6  6  C   C   A . n 
A 1 7  U   7  7  7  U   U   A . n 
A 1 8  U   8  8  8  U   U   A . n 
A 1 9  A   9  9  9  A   A   A . n 
A 1 10 A   10 10 10 A   A   A . n 
A 1 11 G   11 11 11 G   G   A . n 
A 1 12 U   12 12 12 U   U   A . n 
A 1 13 C   13 13 13 C   C   A . n 
A 1 14 GAO 14 14 14 GAO PQR A . n 
B 2 1  G   1  1  1  G   G   B . n 
B 2 2  G   2  2  ?  ?   ?   B . n 
C 2 1  G   1  1  1  G   G   C . n 
C 2 2  G   2  2  ?  ?   ?   C . n 
# 
loop_
_pdbx_nonpoly_scheme.asym_id 
_pdbx_nonpoly_scheme.entity_id 
_pdbx_nonpoly_scheme.mon_id 
_pdbx_nonpoly_scheme.ndb_seq_num 
_pdbx_nonpoly_scheme.pdb_seq_num 
_pdbx_nonpoly_scheme.auth_seq_num 
_pdbx_nonpoly_scheme.pdb_mon_id 
_pdbx_nonpoly_scheme.auth_mon_id 
_pdbx_nonpoly_scheme.pdb_strand_id 
_pdbx_nonpoly_scheme.pdb_ins_code 
D 3 HOH 1 101 8 HOH HOH A . 
D 3 HOH 2 102 5 HOH HOH A . 
D 3 HOH 3 103 3 HOH HOH A . 
D 3 HOH 4 104 1 HOH HOH A . 
D 3 HOH 5 105 4 HOH HOH A . 
D 3 HOH 6 106 2 HOH HOH A . 
D 3 HOH 7 107 6 HOH HOH A . 
D 3 HOH 8 108 7 HOH HOH A . 
# 
_pdbx_struct_assembly.id                   1 
_pdbx_struct_assembly.details              author_defined_assembly 
_pdbx_struct_assembly.method_details       ? 
_pdbx_struct_assembly.oligomeric_details   hexameric 
_pdbx_struct_assembly.oligomeric_count     6 
# 
loop_
_pdbx_struct_assembly_gen.assembly_id 
_pdbx_struct_assembly_gen.oper_expression 
_pdbx_struct_assembly_gen.asym_id_list 
1 1 A,B,C,D 
1 2 A,B,C,D 
# 
loop_
_pdbx_struct_oper_list.id 
_pdbx_struct_oper_list.type 
_pdbx_struct_oper_list.name 
_pdbx_struct_oper_list.symmetry_operation 
_pdbx_struct_oper_list.matrix[1][1] 
_pdbx_struct_oper_list.matrix[1][2] 
_pdbx_struct_oper_list.matrix[1][3] 
_pdbx_struct_oper_list.vector[1] 
_pdbx_struct_oper_list.matrix[2][1] 
_pdbx_struct_oper_list.matrix[2][2] 
_pdbx_struct_oper_list.matrix[2][3] 
_pdbx_struct_oper_list.vector[2] 
_pdbx_struct_oper_list.matrix[3][1] 
_pdbx_struct_oper_list.matrix[3][2] 
_pdbx_struct_oper_list.matrix[3][3] 
_pdbx_struct_oper_list.vector[3] 
1 'identity operation'         1_555 x,y,z        1.0000000000  0.0000000000  0.0000000000 0.0000000000  0.0000000000  1.0000000000  0.0000000000  0.0000000000 0.0000000000 0.0000000000  1.0000000000 0.0000000000 
2 'crystal symmetry operation' 4_647 y+1,x-1,-z+2 -0.7488616150 -0.2150105323 0.6268785789 -1.0550846250 -0.2150105323 -0.8159200993 -0.5366981113 4.7087347409 0.6268785789 -0.5366981113 0.5647817142 2.0377148851 
# 
loop_
_pdbx_audit_revision_history.ordinal 
_pdbx_audit_revision_history.data_content_type 
_pdbx_audit_revision_history.major_revision 
_pdbx_audit_revision_history.minor_revision 
_pdbx_audit_revision_history.revision_date 
1 'Structure model' 1 0 2020-02-26 
2 'Structure model' 1 1 2023-10-11 
# 
_pdbx_audit_revision_details.ordinal             1 
_pdbx_audit_revision_details.revision_ordinal    1 
_pdbx_audit_revision_details.data_content_type   'Structure model' 
_pdbx_audit_revision_details.provider            repository 
_pdbx_audit_revision_details.type                'Initial release' 
_pdbx_audit_revision_details.description         ? 
_pdbx_audit_revision_details.details             ? 
# 
loop_
_pdbx_audit_revision_group.ordinal 
_pdbx_audit_revision_group.revision_ordinal 
_pdbx_audit_revision_group.data_content_type 
_pdbx_audit_revision_group.group 
1 2 'Structure model' 'Data collection'        
2 2 'Structure model' 'Database references'    
3 2 'Structure model' 'Refinement description' 
# 
loop_
_pdbx_audit_revision_category.ordinal 
_pdbx_audit_revision_category.revision_ordinal 
_pdbx_audit_revision_category.data_content_type 
_pdbx_audit_revision_category.category 
1 2 'Structure model' chem_comp_atom                
2 2 'Structure model' chem_comp_bond                
3 2 'Structure model' database_2                    
4 2 'Structure model' pdbx_initial_refinement_model 
# 
loop_
_pdbx_audit_revision_item.ordinal 
_pdbx_audit_revision_item.revision_ordinal 
_pdbx_audit_revision_item.data_content_type 
_pdbx_audit_revision_item.item 
1 2 'Structure model' '_database_2.pdbx_DOI'                
2 2 'Structure model' '_database_2.pdbx_database_accession' 
# 
loop_
_software.citation_id 
_software.classification 
_software.compiler_name 
_software.compiler_version 
_software.contact_author 
_software.contact_author_email 
_software.date 
_software.description 
_software.dependencies 
_software.hardware 
_software.language 
_software.location 
_software.mods 
_software.name 
_software.os 
_software.os_version 
_software.type 
_software.version 
_software.pdbx_ordinal 
? refinement       ? ? ? ? ? ? ? ? ? ? ? REFMAC   ? ? ? 5.8.0189 1 
? 'data reduction' ? ? ? ? ? ? ? ? ? ? ? HKL-2000 ? ? ? .        2 
? 'data scaling'   ? ? ? ? ? ? ? ? ? ? ? HKL-2000 ? ? ? .        3 
? phasing          ? ? ? ? ? ? ? ? ? ? ? PHASER   ? ? ? .        4 
# 
loop_
_pdbx_unobs_or_zero_occ_residues.id 
_pdbx_unobs_or_zero_occ_residues.PDB_model_num 
_pdbx_unobs_or_zero_occ_residues.polymer_flag 
_pdbx_unobs_or_zero_occ_residues.occupancy_flag 
_pdbx_unobs_or_zero_occ_residues.auth_asym_id 
_pdbx_unobs_or_zero_occ_residues.auth_comp_id 
_pdbx_unobs_or_zero_occ_residues.auth_seq_id 
_pdbx_unobs_or_zero_occ_residues.PDB_ins_code 
_pdbx_unobs_or_zero_occ_residues.label_asym_id 
_pdbx_unobs_or_zero_occ_residues.label_comp_id 
_pdbx_unobs_or_zero_occ_residues.label_seq_id 
1 1 Y 1 B G 2 ? B G 2 
2 1 Y 1 C G 2 ? C G 2 
# 
loop_
_chem_comp_atom.comp_id 
_chem_comp_atom.atom_id 
_chem_comp_atom.type_symbol 
_chem_comp_atom.pdbx_aromatic_flag 
_chem_comp_atom.pdbx_stereo_config 
_chem_comp_atom.pdbx_ordinal 
A   OP3    O N N 1   
A   P      P N N 2   
A   OP1    O N N 3   
A   OP2    O N N 4   
A   "O5'"  O N N 5   
A   "C5'"  C N N 6   
A   "C4'"  C N R 7   
A   "O4'"  O N N 8   
A   "C3'"  C N S 9   
A   "O3'"  O N N 10  
A   "C2'"  C N R 11  
A   "O2'"  O N N 12  
A   "C1'"  C N R 13  
A   N9     N Y N 14  
A   C8     C Y N 15  
A   N7     N Y N 16  
A   C5     C Y N 17  
A   C6     C Y N 18  
A   N6     N N N 19  
A   N1     N Y N 20  
A   C2     C Y N 21  
A   N3     N Y N 22  
A   C4     C Y N 23  
A   HOP3   H N N 24  
A   HOP2   H N N 25  
A   "H5'"  H N N 26  
A   "H5''" H N N 27  
A   "H4'"  H N N 28  
A   "H3'"  H N N 29  
A   "HO3'" H N N 30  
A   "H2'"  H N N 31  
A   "HO2'" H N N 32  
A   "H1'"  H N N 33  
A   H8     H N N 34  
A   H61    H N N 35  
A   H62    H N N 36  
A   H2     H N N 37  
C   OP3    O N N 38  
C   P      P N N 39  
C   OP1    O N N 40  
C   OP2    O N N 41  
C   "O5'"  O N N 42  
C   "C5'"  C N N 43  
C   "C4'"  C N R 44  
C   "O4'"  O N N 45  
C   "C3'"  C N S 46  
C   "O3'"  O N N 47  
C   "C2'"  C N R 48  
C   "O2'"  O N N 49  
C   "C1'"  C N R 50  
C   N1     N N N 51  
C   C2     C N N 52  
C   O2     O N N 53  
C   N3     N N N 54  
C   C4     C N N 55  
C   N4     N N N 56  
C   C5     C N N 57  
C   C6     C N N 58  
C   HOP3   H N N 59  
C   HOP2   H N N 60  
C   "H5'"  H N N 61  
C   "H5''" H N N 62  
C   "H4'"  H N N 63  
C   "H3'"  H N N 64  
C   "HO3'" H N N 65  
C   "H2'"  H N N 66  
C   "HO2'" H N N 67  
C   "H1'"  H N N 68  
C   H41    H N N 69  
C   H42    H N N 70  
C   H5     H N N 71  
C   H6     H N N 72  
G   OP3    O N N 73  
G   P      P N N 74  
G   OP1    O N N 75  
G   OP2    O N N 76  
G   "O5'"  O N N 77  
G   "C5'"  C N N 78  
G   "C4'"  C N R 79  
G   "O4'"  O N N 80  
G   "C3'"  C N S 81  
G   "O3'"  O N N 82  
G   "C2'"  C N R 83  
G   "O2'"  O N N 84  
G   "C1'"  C N R 85  
G   N9     N Y N 86  
G   C8     C Y N 87  
G   N7     N Y N 88  
G   C5     C Y N 89  
G   C6     C N N 90  
G   O6     O N N 91  
G   N1     N N N 92  
G   C2     C N N 93  
G   N2     N N N 94  
G   N3     N N N 95  
G   C4     C Y N 96  
G   HOP3   H N N 97  
G   HOP2   H N N 98  
G   "H5'"  H N N 99  
G   "H5''" H N N 100 
G   "H4'"  H N N 101 
G   "H3'"  H N N 102 
G   "HO3'" H N N 103 
G   "H2'"  H N N 104 
G   "HO2'" H N N 105 
G   "H1'"  H N N 106 
G   H8     H N N 107 
G   H1     H N N 108 
G   H21    H N N 109 
G   H22    H N N 110 
GAO OP3    O N N 111 
GAO P      P N N 112 
GAO OP1    O N N 113 
GAO OP2    O N N 114 
GAO "O5'"  O N N 115 
GAO "C5'"  C N N 116 
GAO "C4'"  C N R 117 
GAO "O4'"  O N N 118 
GAO "C3'"  C N S 119 
GAO "O3'"  O N N 120 
GAO "C2'"  C N S 121 
GAO "O2'"  O N N 122 
GAO "C1'"  C N R 123 
GAO N9     N Y N 124 
GAO C8     C Y N 125 
GAO N7     N Y N 126 
GAO C5     C Y N 127 
GAO C6     C N N 128 
GAO O6     O N N 129 
GAO N1     N N N 130 
GAO C2     C N N 131 
GAO N2     N N N 132 
GAO N3     N N N 133 
GAO C4     C Y N 134 
GAO HOP3   H N N 135 
GAO HOP2   H N N 136 
GAO "H5'"  H N N 137 
GAO "H5''" H N N 138 
GAO "H4'"  H N N 139 
GAO "H3'"  H N N 140 
GAO "HO3'" H N N 141 
GAO "H2'"  H N N 142 
GAO "HO2'" H N N 143 
GAO "H1'"  H N N 144 
GAO H8     H N N 145 
GAO H1     H N N 146 
GAO H21    H N N 147 
GAO H22    H N N 148 
HOH O      O N N 149 
HOH H1     H N N 150 
HOH H2     H N N 151 
LCC "O5'"  O N N 152 
LCC "C5'"  C N N 153 
LCC "C4'"  C N R 154 
LCC "O4'"  O N N 155 
LCC "C1'"  C N R 156 
LCC N1     N N N 157 
LCC C6     C N N 158 
LCC C5     C N N 159 
LCC C5M    C N N 160 
LCC C4     C N N 161 
LCC N4     N N N 162 
LCC N3     N N N 163 
LCC C2     C N N 164 
LCC O2     O N N 165 
LCC "C3'"  C N S 166 
LCC "C2'"  C N R 167 
LCC "O2'"  O N N 168 
LCC "O3'"  O N N 169 
LCC "C6'"  C N N 170 
LCC P      P N N 171 
LCC O1P    O N N 172 
LCC O2P    O N N 173 
LCC OXT    O N N 174 
LCC "H5'1" H N N 175 
LCC "H5'2" H N N 176 
LCC "H1'"  H N N 177 
LCC H6     H N N 178 
LCC H5M1   H N N 179 
LCC H5M2   H N N 180 
LCC H5M3   H N N 181 
LCC H41    H N N 182 
LCC H42    H N N 183 
LCC "H3'"  H N N 184 
LCC "H2'1" H N N 185 
LCC H3T    H N N 186 
LCC "H6'1" H N N 187 
LCC "H6'2" H N N 188 
LCC H1P    H N N 189 
LCC HXT    H N N 190 
LCG P      P N N 191 
LCG OP1    O N N 192 
LCG "O5'"  O N N 193 
LCG "C5'"  C N N 194 
LCG "C3'"  C N S 195 
LCG "C6'"  C N N 196 
LCG N9     N Y N 197 
LCG C8     C Y N 198 
LCG C4     C Y N 199 
LCG N7     N Y N 200 
LCG C5     C Y N 201 
LCG C6     C N N 202 
LCG "C2'"  C N R 203 
LCG O6     O N N 204 
LCG "C4'"  C N R 205 
LCG "C1'"  C N R 206 
LCG C2     C N N 207 
LCG N1     N N N 208 
LCG "O4'"  O N N 209 
LCG OP2    O N N 210 
LCG N2     N N N 211 
LCG N3     N N N 212 
LCG "O2'"  O N N 213 
LCG "O3'"  O N N 214 
LCG OP3    O N N 215 
LCG "H5'"  H N N 216 
LCG "H5''" H N N 217 
LCG "H3'"  H N N 218 
LCG "H6'1" H N N 219 
LCG "H6'2" H N N 220 
LCG H8     H N N 221 
LCG "H2'"  H N N 222 
LCG "H1'"  H N N 223 
LCG H1     H N N 224 
LCG HOP2   H N N 225 
LCG H21    H N N 226 
LCG H22    H N N 227 
LCG "HO3'" H N N 228 
LCG HOP3   H N N 229 
U   OP3    O N N 230 
U   P      P N N 231 
U   OP1    O N N 232 
U   OP2    O N N 233 
U   "O5'"  O N N 234 
U   "C5'"  C N N 235 
U   "C4'"  C N R 236 
U   "O4'"  O N N 237 
U   "C3'"  C N S 238 
U   "O3'"  O N N 239 
U   "C2'"  C N R 240 
U   "O2'"  O N N 241 
U   "C1'"  C N R 242 
U   N1     N N N 243 
U   C2     C N N 244 
U   O2     O N N 245 
U   N3     N N N 246 
U   C4     C N N 247 
U   O4     O N N 248 
U   C5     C N N 249 
U   C6     C N N 250 
U   HOP3   H N N 251 
U   HOP2   H N N 252 
U   "H5'"  H N N 253 
U   "H5''" H N N 254 
U   "H4'"  H N N 255 
U   "H3'"  H N N 256 
U   "HO3'" H N N 257 
U   "H2'"  H N N 258 
U   "HO2'" H N N 259 
U   "H1'"  H N N 260 
U   H3     H N N 261 
U   H5     H N N 262 
U   H6     H N N 263 
# 
loop_
_chem_comp_bond.comp_id 
_chem_comp_bond.atom_id_1 
_chem_comp_bond.atom_id_2 
_chem_comp_bond.value_order 
_chem_comp_bond.pdbx_aromatic_flag 
_chem_comp_bond.pdbx_stereo_config 
_chem_comp_bond.pdbx_ordinal 
A   OP3   P      sing N N 1   
A   OP3   HOP3   sing N N 2   
A   P     OP1    doub N N 3   
A   P     OP2    sing N N 4   
A   P     "O5'"  sing N N 5   
A   OP2   HOP2   sing N N 6   
A   "O5'" "C5'"  sing N N 7   
A   "C5'" "C4'"  sing N N 8   
A   "C5'" "H5'"  sing N N 9   
A   "C5'" "H5''" sing N N 10  
A   "C4'" "O4'"  sing N N 11  
A   "C4'" "C3'"  sing N N 12  
A   "C4'" "H4'"  sing N N 13  
A   "O4'" "C1'"  sing N N 14  
A   "C3'" "O3'"  sing N N 15  
A   "C3'" "C2'"  sing N N 16  
A   "C3'" "H3'"  sing N N 17  
A   "O3'" "HO3'" sing N N 18  
A   "C2'" "O2'"  sing N N 19  
A   "C2'" "C1'"  sing N N 20  
A   "C2'" "H2'"  sing N N 21  
A   "O2'" "HO2'" sing N N 22  
A   "C1'" N9     sing N N 23  
A   "C1'" "H1'"  sing N N 24  
A   N9    C8     sing Y N 25  
A   N9    C4     sing Y N 26  
A   C8    N7     doub Y N 27  
A   C8    H8     sing N N 28  
A   N7    C5     sing Y N 29  
A   C5    C6     sing Y N 30  
A   C5    C4     doub Y N 31  
A   C6    N6     sing N N 32  
A   C6    N1     doub Y N 33  
A   N6    H61    sing N N 34  
A   N6    H62    sing N N 35  
A   N1    C2     sing Y N 36  
A   C2    N3     doub Y N 37  
A   C2    H2     sing N N 38  
A   N3    C4     sing Y N 39  
C   OP3   P      sing N N 40  
C   OP3   HOP3   sing N N 41  
C   P     OP1    doub N N 42  
C   P     OP2    sing N N 43  
C   P     "O5'"  sing N N 44  
C   OP2   HOP2   sing N N 45  
C   "O5'" "C5'"  sing N N 46  
C   "C5'" "C4'"  sing N N 47  
C   "C5'" "H5'"  sing N N 48  
C   "C5'" "H5''" sing N N 49  
C   "C4'" "O4'"  sing N N 50  
C   "C4'" "C3'"  sing N N 51  
C   "C4'" "H4'"  sing N N 52  
C   "O4'" "C1'"  sing N N 53  
C   "C3'" "O3'"  sing N N 54  
C   "C3'" "C2'"  sing N N 55  
C   "C3'" "H3'"  sing N N 56  
C   "O3'" "HO3'" sing N N 57  
C   "C2'" "O2'"  sing N N 58  
C   "C2'" "C1'"  sing N N 59  
C   "C2'" "H2'"  sing N N 60  
C   "O2'" "HO2'" sing N N 61  
C   "C1'" N1     sing N N 62  
C   "C1'" "H1'"  sing N N 63  
C   N1    C2     sing N N 64  
C   N1    C6     sing N N 65  
C   C2    O2     doub N N 66  
C   C2    N3     sing N N 67  
C   N3    C4     doub N N 68  
C   C4    N4     sing N N 69  
C   C4    C5     sing N N 70  
C   N4    H41    sing N N 71  
C   N4    H42    sing N N 72  
C   C5    C6     doub N N 73  
C   C5    H5     sing N N 74  
C   C6    H6     sing N N 75  
G   OP3   P      sing N N 76  
G   OP3   HOP3   sing N N 77  
G   P     OP1    doub N N 78  
G   P     OP2    sing N N 79  
G   P     "O5'"  sing N N 80  
G   OP2   HOP2   sing N N 81  
G   "O5'" "C5'"  sing N N 82  
G   "C5'" "C4'"  sing N N 83  
G   "C5'" "H5'"  sing N N 84  
G   "C5'" "H5''" sing N N 85  
G   "C4'" "O4'"  sing N N 86  
G   "C4'" "C3'"  sing N N 87  
G   "C4'" "H4'"  sing N N 88  
G   "O4'" "C1'"  sing N N 89  
G   "C3'" "O3'"  sing N N 90  
G   "C3'" "C2'"  sing N N 91  
G   "C3'" "H3'"  sing N N 92  
G   "O3'" "HO3'" sing N N 93  
G   "C2'" "O2'"  sing N N 94  
G   "C2'" "C1'"  sing N N 95  
G   "C2'" "H2'"  sing N N 96  
G   "O2'" "HO2'" sing N N 97  
G   "C1'" N9     sing N N 98  
G   "C1'" "H1'"  sing N N 99  
G   N9    C8     sing Y N 100 
G   N9    C4     sing Y N 101 
G   C8    N7     doub Y N 102 
G   C8    H8     sing N N 103 
G   N7    C5     sing Y N 104 
G   C5    C6     sing N N 105 
G   C5    C4     doub Y N 106 
G   C6    O6     doub N N 107 
G   C6    N1     sing N N 108 
G   N1    C2     sing N N 109 
G   N1    H1     sing N N 110 
G   C2    N2     sing N N 111 
G   C2    N3     doub N N 112 
G   N2    H21    sing N N 113 
G   N2    H22    sing N N 114 
G   N3    C4     sing N N 115 
GAO OP3   P      sing N N 116 
GAO OP3   HOP3   sing N N 117 
GAO P     OP1    doub N N 118 
GAO P     OP2    sing N N 119 
GAO P     "O5'"  sing N N 120 
GAO OP2   HOP2   sing N N 121 
GAO "O5'" "C5'"  sing N N 122 
GAO "C5'" "C4'"  sing N N 123 
GAO "C5'" "H5'"  sing N N 124 
GAO "C5'" "H5''" sing N N 125 
GAO "C4'" "O4'"  sing N N 126 
GAO "C4'" "C3'"  sing N N 127 
GAO "C4'" "H4'"  sing N N 128 
GAO "O4'" "C1'"  sing N N 129 
GAO "C3'" "O3'"  sing N N 130 
GAO "C3'" "C2'"  sing N N 131 
GAO "C3'" "H3'"  sing N N 132 
GAO "O3'" "HO3'" sing N N 133 
GAO "C2'" "O2'"  sing N N 134 
GAO "C2'" "C1'"  sing N N 135 
GAO "C2'" "H2'"  sing N N 136 
GAO "O2'" "HO2'" sing N N 137 
GAO "C1'" N9     sing N N 138 
GAO "C1'" "H1'"  sing N N 139 
GAO N9    C8     sing Y N 140 
GAO N9    C4     sing Y N 141 
GAO C8    N7     doub Y N 142 
GAO C8    H8     sing N N 143 
GAO N7    C5     sing Y N 144 
GAO C5    C6     sing N N 145 
GAO C5    C4     doub Y N 146 
GAO C6    O6     doub N N 147 
GAO C6    N1     sing N N 148 
GAO N1    C2     sing N N 149 
GAO N1    H1     sing N N 150 
GAO C2    N2     sing N N 151 
GAO C2    N3     doub N N 152 
GAO N2    H21    sing N N 153 
GAO N2    H22    sing N N 154 
GAO N3    C4     sing N N 155 
HOH O     H1     sing N N 156 
HOH O     H2     sing N N 157 
LCC "O5'" "C5'"  sing N N 158 
LCC "O5'" P      sing N N 159 
LCC "C5'" "C4'"  sing N N 160 
LCC "C5'" "H5'1" sing N N 161 
LCC "C5'" "H5'2" sing N N 162 
LCC "C4'" "O4'"  sing N N 163 
LCC "C4'" "C3'"  sing N N 164 
LCC "C4'" "C6'"  sing N N 165 
LCC "O4'" "C1'"  sing N N 166 
LCC "C1'" N1     sing N N 167 
LCC "C1'" "C2'"  sing N N 168 
LCC "C1'" "H1'"  sing N N 169 
LCC N1    C6     sing N N 170 
LCC N1    C2     sing N N 171 
LCC C6    C5     doub N N 172 
LCC C6    H6     sing N N 173 
LCC C5    C5M    sing N N 174 
LCC C5    C4     sing N N 175 
LCC C5M   H5M1   sing N N 176 
LCC C5M   H5M2   sing N N 177 
LCC C5M   H5M3   sing N N 178 
LCC C4    N4     sing N N 179 
LCC C4    N3     doub N N 180 
LCC N4    H41    sing N N 181 
LCC N4    H42    sing N N 182 
LCC N3    C2     sing N N 183 
LCC C2    O2     doub N N 184 
LCC "C3'" "C2'"  sing N N 185 
LCC "C3'" "O3'"  sing N N 186 
LCC "C3'" "H3'"  sing N N 187 
LCC "C2'" "O2'"  sing N N 188 
LCC "C2'" "H2'1" sing N N 189 
LCC "O2'" "C6'"  sing N N 190 
LCC "O3'" H3T    sing N N 191 
LCC "C6'" "H6'1" sing N N 192 
LCC "C6'" "H6'2" sing N N 193 
LCC P     O1P    sing N N 194 
LCC P     O2P    doub N N 195 
LCC P     OXT    sing N N 196 
LCC O1P   H1P    sing N N 197 
LCC OXT   HXT    sing N N 198 
LCG P     OP1    doub N N 199 
LCG P     "O5'"  sing N N 200 
LCG P     OP2    sing N N 201 
LCG P     OP3    sing N N 202 
LCG "O5'" "C5'"  sing N N 203 
LCG "C5'" "C4'"  sing N N 204 
LCG "C5'" "H5'"  sing N N 205 
LCG "C5'" "H5''" sing N N 206 
LCG "C3'" "C2'"  sing N N 207 
LCG "C3'" "C4'"  sing N N 208 
LCG "C3'" "O3'"  sing N N 209 
LCG "C3'" "H3'"  sing N N 210 
LCG "C6'" "C4'"  sing N N 211 
LCG "C6'" "O2'"  sing N N 212 
LCG "C6'" "H6'1" sing N N 213 
LCG "C6'" "H6'2" sing N N 214 
LCG N9    C8     sing Y N 215 
LCG N9    C4     sing Y N 216 
LCG N9    "C1'"  sing N N 217 
LCG C8    N7     doub Y N 218 
LCG C8    H8     sing N N 219 
LCG C4    C5     doub Y N 220 
LCG C4    N3     sing N N 221 
LCG N7    C5     sing Y N 222 
LCG C5    C6     sing N N 223 
LCG C6    O6     doub N N 224 
LCG C6    N1     sing N N 225 
LCG "C2'" "C1'"  sing N N 226 
LCG "C2'" "O2'"  sing N N 227 
LCG "C2'" "H2'"  sing N N 228 
LCG "C4'" "O4'"  sing N N 229 
LCG "C1'" "O4'"  sing N N 230 
LCG "C1'" "H1'"  sing N N 231 
LCG C2    N1     sing N N 232 
LCG C2    N2     sing N N 233 
LCG C2    N3     doub N N 234 
LCG N1    H1     sing N N 235 
LCG OP2   HOP2   sing N N 236 
LCG N2    H21    sing N N 237 
LCG N2    H22    sing N N 238 
LCG "O3'" "HO3'" sing N N 239 
LCG OP3   HOP3   sing N N 240 
U   OP3   P      sing N N 241 
U   OP3   HOP3   sing N N 242 
U   P     OP1    doub N N 243 
U   P     OP2    sing N N 244 
U   P     "O5'"  sing N N 245 
U   OP2   HOP2   sing N N 246 
U   "O5'" "C5'"  sing N N 247 
U   "C5'" "C4'"  sing N N 248 
U   "C5'" "H5'"  sing N N 249 
U   "C5'" "H5''" sing N N 250 
U   "C4'" "O4'"  sing N N 251 
U   "C4'" "C3'"  sing N N 252 
U   "C4'" "H4'"  sing N N 253 
U   "O4'" "C1'"  sing N N 254 
U   "C3'" "O3'"  sing N N 255 
U   "C3'" "C2'"  sing N N 256 
U   "C3'" "H3'"  sing N N 257 
U   "O3'" "HO3'" sing N N 258 
U   "C2'" "O2'"  sing N N 259 
U   "C2'" "C1'"  sing N N 260 
U   "C2'" "H2'"  sing N N 261 
U   "O2'" "HO2'" sing N N 262 
U   "C1'" N1     sing N N 263 
U   "C1'" "H1'"  sing N N 264 
U   N1    C2     sing N N 265 
U   N1    C6     sing N N 266 
U   C2    O2     doub N N 267 
U   C2    N3     sing N N 268 
U   N3    C4     sing N N 269 
U   N3    H3     sing N N 270 
U   C4    O4     doub N N 271 
U   C4    C5     sing N N 272 
U   C5    C6     doub N N 273 
U   C5    H5     sing N N 274 
U   C6    H6     sing N N 275 
# 
loop_
_ndb_struct_conf_na.entry_id 
_ndb_struct_conf_na.feature 
6OWL 'a-form double helix'  
6OWL 'mismatched base pair' 
# 
loop_
_ndb_struct_na_base_pair.model_number 
_ndb_struct_na_base_pair.i_label_asym_id 
_ndb_struct_na_base_pair.i_label_comp_id 
_ndb_struct_na_base_pair.i_label_seq_id 
_ndb_struct_na_base_pair.i_symmetry 
_ndb_struct_na_base_pair.j_label_asym_id 
_ndb_struct_na_base_pair.j_label_comp_id 
_ndb_struct_na_base_pair.j_label_seq_id 
_ndb_struct_na_base_pair.j_symmetry 
_ndb_struct_na_base_pair.shear 
_ndb_struct_na_base_pair.stretch 
_ndb_struct_na_base_pair.stagger 
_ndb_struct_na_base_pair.buckle 
_ndb_struct_na_base_pair.propeller 
_ndb_struct_na_base_pair.opening 
_ndb_struct_na_base_pair.pair_number 
_ndb_struct_na_base_pair.pair_name 
_ndb_struct_na_base_pair.i_auth_asym_id 
_ndb_struct_na_base_pair.i_auth_seq_id 
_ndb_struct_na_base_pair.i_PDB_ins_code 
_ndb_struct_na_base_pair.j_auth_asym_id 
_ndb_struct_na_base_pair.j_auth_seq_id 
_ndb_struct_na_base_pair.j_PDB_ins_code 
_ndb_struct_na_base_pair.hbond_type_28 
_ndb_struct_na_base_pair.hbond_type_12 
1 A LCG 4  1_555 A C   13 4_647 -0.329 -0.200 0.004  -2.807 -11.514 -0.542 1  A_LCG4:C13_A A 4  ? A 13 ? 19 1 
1 A A   5  1_555 A U   12 4_647 -0.138 -0.154 -0.011 1.700  -11.395 2.320  2  A_A5:U12_A   A 5  ? A 12 ? 20 1 
1 A C   6  1_555 A G   11 4_647 0.329  -0.283 0.047  6.949  -16.459 -0.353 3  A_C6:G11_A   A 6  ? A 11 ? 19 1 
1 A U   7  1_555 A A   10 4_647 0.021  -0.196 0.190  4.350  -18.968 4.103  4  A_U7:A10_A   A 7  ? A 10 ? 20 1 
1 A U   8  1_555 A A   9  4_647 -0.147 -0.193 0.040  1.517  -14.119 1.537  5  A_U8:A9_A    A 8  ? A 9  ? 20 1 
1 A A   9  1_555 A U   8  4_647 0.147  -0.193 0.040  -1.517 -14.119 1.537  6  A_A9:U8_A    A 9  ? A 8  ? 20 1 
1 A A   10 1_555 A U   7  4_647 -0.021 -0.196 0.190  -4.350 -18.968 4.103  7  A_A10:U7_A   A 10 ? A 7  ? 20 1 
1 A G   11 1_555 A C   6  4_647 -0.329 -0.283 0.047  -6.949 -16.459 -0.353 8  A_G11:C6_A   A 11 ? A 6  ? 19 1 
1 A U   12 1_555 A A   5  4_647 0.138  -0.154 -0.011 -1.700 -11.395 2.320  9  A_U12:A5_A   A 12 ? A 5  ? 20 1 
1 A C   13 1_555 A LCG 4  4_647 0.329  -0.200 0.004  2.807  -11.514 -0.542 10 A_C13:LCG4_A A 13 ? A 4  ? 19 1 
# 
loop_
_ndb_struct_na_base_pair_step.model_number 
_ndb_struct_na_base_pair_step.i_label_asym_id_1 
_ndb_struct_na_base_pair_step.i_label_comp_id_1 
_ndb_struct_na_base_pair_step.i_label_seq_id_1 
_ndb_struct_na_base_pair_step.i_symmetry_1 
_ndb_struct_na_base_pair_step.j_label_asym_id_1 
_ndb_struct_na_base_pair_step.j_label_comp_id_1 
_ndb_struct_na_base_pair_step.j_label_seq_id_1 
_ndb_struct_na_base_pair_step.j_symmetry_1 
_ndb_struct_na_base_pair_step.i_label_asym_id_2 
_ndb_struct_na_base_pair_step.i_label_comp_id_2 
_ndb_struct_na_base_pair_step.i_label_seq_id_2 
_ndb_struct_na_base_pair_step.i_symmetry_2 
_ndb_struct_na_base_pair_step.j_label_asym_id_2 
_ndb_struct_na_base_pair_step.j_label_comp_id_2 
_ndb_struct_na_base_pair_step.j_label_seq_id_2 
_ndb_struct_na_base_pair_step.j_symmetry_2 
_ndb_struct_na_base_pair_step.shift 
_ndb_struct_na_base_pair_step.slide 
_ndb_struct_na_base_pair_step.rise 
_ndb_struct_na_base_pair_step.tilt 
_ndb_struct_na_base_pair_step.roll 
_ndb_struct_na_base_pair_step.twist 
_ndb_struct_na_base_pair_step.x_displacement 
_ndb_struct_na_base_pair_step.y_displacement 
_ndb_struct_na_base_pair_step.helical_rise 
_ndb_struct_na_base_pair_step.inclination 
_ndb_struct_na_base_pair_step.tip 
_ndb_struct_na_base_pair_step.helical_twist 
_ndb_struct_na_base_pair_step.step_number 
_ndb_struct_na_base_pair_step.step_name 
_ndb_struct_na_base_pair_step.i_auth_asym_id_1 
_ndb_struct_na_base_pair_step.i_auth_seq_id_1 
_ndb_struct_na_base_pair_step.i_PDB_ins_code_1 
_ndb_struct_na_base_pair_step.j_auth_asym_id_1 
_ndb_struct_na_base_pair_step.j_auth_seq_id_1 
_ndb_struct_na_base_pair_step.j_PDB_ins_code_1 
_ndb_struct_na_base_pair_step.i_auth_asym_id_2 
_ndb_struct_na_base_pair_step.i_auth_seq_id_2 
_ndb_struct_na_base_pair_step.i_PDB_ins_code_2 
_ndb_struct_na_base_pair_step.j_auth_asym_id_2 
_ndb_struct_na_base_pair_step.j_auth_seq_id_2 
_ndb_struct_na_base_pair_step.j_PDB_ins_code_2 
1 A LCG 4  1_555 A C 13 4_647 A A 5  1_555 A U   12 4_647 0.005  -0.914 3.296 -2.249 5.956  33.116 -2.529 -0.368 3.083 10.331 
3.901  33.705 1 AA_LCG4A5:U12C13_AA A 4  ? A 13 ? A 5  ? A 12 ? 
1 A A   5  1_555 A U 12 4_647 A C 6  1_555 A G   11 4_647 -0.294 -1.187 3.146 -1.841 11.601 33.693 -3.471 0.237  2.620 19.301 
3.063  35.626 2 AA_A5C6:G11U12_AA   A 5  ? A 12 ? A 6  ? A 11 ? 
1 A C   6  1_555 A G 11 4_647 A U 7  1_555 A A   10 4_647 0.377  -1.367 3.261 1.885  10.004 31.563 -3.981 -0.363 2.730 17.821 
-3.358 33.124 3 AA_C6U7:A10G11_AA   A 6  ? A 11 ? A 7  ? A 10 ? 
1 A U   7  1_555 A A 10 4_647 A U 8  1_555 A A   9  4_647 -0.198 -1.200 3.327 -0.008 11.902 30.645 -4.070 0.349  2.687 21.528 
0.014  32.823 4 AA_U7U8:A9A10_AA    A 7  ? A 10 ? A 8  ? A 9  ? 
1 A U   8  1_555 A A 9  4_647 A A 9  1_555 A U   8  4_647 0.000  -1.222 3.235 0.000  16.294 32.649 -4.017 0.000  2.380 26.991 
0.000  36.390 5 AA_U8A9:U8A9_AA     A 8  ? A 9  ? A 9  ? A 8  ? 
1 A A   9  1_555 A U 8  4_647 A A 10 1_555 A U   7  4_647 0.198  -1.200 3.327 0.008  11.902 30.645 -4.070 -0.349 2.687 21.528 
-0.014 32.823 6 AA_A9A10:U7U8_AA    A 9  ? A 8  ? A 10 ? A 7  ? 
1 A A   10 1_555 A U 7  4_647 A G 11 1_555 A C   6  4_647 -0.377 -1.367 3.261 -1.885 10.004 31.563 -3.981 0.363  2.730 17.821 
3.358  33.124 7 AA_A10G11:C6U7_AA   A 10 ? A 7  ? A 11 ? A 6  ? 
1 A G   11 1_555 A C 6  4_647 A U 12 1_555 A A   5  4_647 0.294  -1.187 3.146 1.841  11.601 33.693 -3.471 -0.237 2.620 19.301 
-3.063 35.626 8 AA_G11U12:A5C6_AA   A 11 ? A 6  ? A 12 ? A 5  ? 
1 A U   12 1_555 A A 5  4_647 A C 13 1_555 A LCG 4  4_647 -0.005 -0.914 3.296 2.249  5.956  33.116 -2.529 0.368  3.083 10.331 
-3.901 33.705 9 AA_U12C13:LCG4A5_AA A 12 ? A 5  ? A 13 ? A 4  ? 
# 
_pdbx_audit_support.funding_organization   'Howard Hughes Medical Institute' 
_pdbx_audit_support.country                'United States' 
_pdbx_audit_support.grant_number           ? 
_pdbx_audit_support.ordinal                1 
# 
_pdbx_entity_nonpoly.entity_id   3 
_pdbx_entity_nonpoly.name        water 
_pdbx_entity_nonpoly.comp_id     HOH 
# 
_pdbx_initial_refinement_model.id               1 
_pdbx_initial_refinement_model.entity_id_list   ? 
_pdbx_initial_refinement_model.type             'experimental model' 
_pdbx_initial_refinement_model.source_name      PDB 
_pdbx_initial_refinement_model.accession_code   6C8D 
_pdbx_initial_refinement_model.details          ? 
# 
_pdbx_struct_assembly_auth_evidence.id                     1 
_pdbx_struct_assembly_auth_evidence.assembly_id            1 
_pdbx_struct_assembly_auth_evidence.experimental_support   none 
_pdbx_struct_assembly_auth_evidence.details                ? 
# 
